data_5KKN
#
_entry.id   5KKN
#
_cell.length_a   141.671
_cell.length_b   141.671
_cell.length_c   163.188
_cell.angle_alpha   90.00
_cell.angle_beta   90.00
_cell.angle_gamma   90.00
#
_symmetry.space_group_name_H-M   'P 42 21 2'
#
loop_
_entity.id
_entity.type
_entity.pdbx_description
1 polymer 'Acetyl-CoA carboxylase 2'
2 non-polymer 2-[1-[(2~{R})-2-(2-methoxyphenyl)-2-(oxan-4-yloxy)ethyl]-5-methyl-6-(1,3-oxazol-2-yl)-2,4-bis(oxidanylidene)thieno[2,3-d]pyrimidin-3-yl]-2-methyl-propanamide
3 water water
#
_entity_poly.entity_id   1
_entity_poly.type   'polypeptide(L)'
_entity_poly.pdbx_seq_one_letter_code
;MGSSHHHHHHENLYFQGLHRDFTVASPAEFVTRFGGDRVIEKVLIANNGIAAVKCMRSIRRWAYEMFRNERAIRFVVMVT
PEDLKANAEYIKMADHYVPVPGGPNNNNYANVELIVDIAKRIPVQAVWAGWGHASENPKLPELLCKNGVAFLGPPSEAMW
ALGDKIASTVVAQTLQVPTLPWSGSGLTVEWTEDDLQQGKRISVPEDVYDKGCVKDVDEGLEAAERIGFPLMIKASEGGG
GKGIRKAESAEDFPILFRQVQSEIPGSPIFLMKLAQHARHLEVQILADQYGNAVSLFGRDCSIQRRHQKIVEEAPATIAP
LAIFEFMEQCAIRLAKTVGYVSAGTVEYLYSQDGSFHFLELNPRLQVEHPCTEMIADVNLPAAQLQIAMGVPLHRLKDIR
LLYGESPWGVTPISFETPSNPPLARGHVIAARITSENPDEGFKPSSGTVQELNFRSSKNVWGYFSVAATGGLHEFADSQF
GHCFSWGENREEAISNMVVALKELSIRGDFRTTVEYLINLLETESFQNNDIDTGWLDYLI
;
_entity_poly.pdbx_strand_id   B,C
#
# COMPACT_ATOMS: atom_id res chain seq x y z
N ASP A 21 21.59 -44.68 -10.09
CA ASP A 21 21.73 -43.72 -9.01
C ASP A 21 23.20 -43.31 -8.79
N PHE A 22 23.47 -42.61 -7.71
CA PHE A 22 24.81 -42.16 -7.40
C PHE A 22 25.13 -42.60 -5.99
N THR A 23 26.40 -42.67 -5.67
CA THR A 23 26.81 -43.07 -4.36
C THR A 23 27.80 -42.06 -3.83
N VAL A 24 27.61 -41.64 -2.58
CA VAL A 24 28.58 -40.84 -1.85
C VAL A 24 28.78 -41.51 -0.49
N ALA A 25 30.02 -41.62 -0.04
CA ALA A 25 30.31 -42.35 1.19
C ALA A 25 30.82 -41.45 2.30
N SER A 26 31.10 -40.17 2.00
CA SER A 26 31.68 -39.24 2.98
C SER A 26 31.33 -37.80 2.60
N PRO A 27 31.35 -36.88 3.59
CA PRO A 27 31.00 -35.50 3.31
C PRO A 27 31.80 -34.91 2.15
N ALA A 28 33.08 -35.26 2.01
CA ALA A 28 33.90 -34.69 0.92
C ALA A 28 33.39 -35.17 -0.42
N GLU A 29 32.90 -36.41 -0.46
CA GLU A 29 32.34 -36.93 -1.69
C GLU A 29 31.03 -36.20 -2.05
N PHE A 30 30.22 -35.96 -1.03
CA PHE A 30 28.92 -35.33 -1.21
C PHE A 30 29.07 -33.95 -1.85
N VAL A 31 30.04 -33.18 -1.34
CA VAL A 31 30.33 -31.83 -1.80
C VAL A 31 30.72 -31.78 -3.26
N THR A 32 31.49 -32.76 -3.69
CA THR A 32 31.87 -32.84 -5.09
C THR A 32 30.64 -33.11 -5.94
N ARG A 33 29.82 -34.09 -5.51
CA ARG A 33 28.61 -34.47 -6.25
C ARG A 33 27.56 -33.37 -6.35
N PHE A 34 27.44 -32.57 -5.30
CA PHE A 34 26.36 -31.59 -5.22
C PHE A 34 26.79 -30.15 -5.43
N GLY A 35 27.97 -29.96 -6.04
CA GLY A 35 28.43 -28.63 -6.40
C GLY A 35 28.66 -27.66 -5.26
N GLY A 36 29.21 -28.14 -4.13
CA GLY A 36 29.46 -27.30 -2.94
C GLY A 36 30.90 -26.81 -2.89
N ASP A 37 31.28 -26.11 -1.81
CA ASP A 37 32.61 -25.46 -1.77
C ASP A 37 33.37 -25.61 -0.44
N ARG A 38 32.76 -26.25 0.53
CA ARG A 38 33.44 -26.44 1.83
C ARG A 38 32.94 -27.72 2.46
N VAL A 39 33.90 -28.59 2.80
CA VAL A 39 33.61 -29.87 3.39
C VAL A 39 33.45 -29.74 4.91
N ILE A 40 32.29 -30.13 5.43
CA ILE A 40 32.06 -30.13 6.86
C ILE A 40 31.88 -31.56 7.35
N GLU A 41 32.82 -32.02 8.17
CA GLU A 41 32.80 -33.39 8.71
C GLU A 41 32.45 -33.39 10.18
N LYS A 42 32.76 -32.31 10.87
CA LYS A 42 32.56 -32.26 12.29
C LYS A 42 31.92 -30.93 12.65
N VAL A 43 30.84 -30.98 13.42
CA VAL A 43 30.13 -29.79 13.84
C VAL A 43 30.20 -29.60 15.37
N LEU A 44 30.49 -28.38 15.81
CA LEU A 44 30.42 -28.04 17.23
C LEU A 44 29.06 -27.45 17.54
N ILE A 45 28.36 -28.09 18.48
CA ILE A 45 27.08 -27.63 18.93
C ILE A 45 27.26 -26.71 20.15
N ALA A 46 26.86 -25.46 19.98
CA ALA A 46 27.03 -24.46 21.03
C ALA A 46 25.72 -24.33 21.79
N ASN A 47 25.18 -25.46 22.24
CA ASN A 47 23.91 -25.42 22.94
C ASN A 47 23.79 -26.69 23.78
N ASN A 48 22.76 -26.75 24.63
CA ASN A 48 22.42 -27.99 25.34
C ASN A 48 20.96 -28.34 25.15
N GLY A 49 20.49 -29.29 25.94
CA GLY A 49 19.08 -29.61 26.03
C GLY A 49 18.48 -30.08 24.74
N ILE A 50 17.23 -29.70 24.50
CA ILE A 50 16.52 -30.20 23.35
C ILE A 50 17.13 -29.69 22.01
N ALA A 51 17.63 -28.46 21.98
CA ALA A 51 18.30 -27.94 20.80
C ALA A 51 19.48 -28.83 20.35
N ALA A 52 20.40 -29.16 21.26
CA ALA A 52 21.48 -30.09 20.93
C ALA A 52 20.92 -31.37 20.35
N VAL A 53 19.89 -31.90 21.00
CA VAL A 53 19.35 -33.19 20.60
C VAL A 53 18.79 -33.13 19.20
N LYS A 54 17.98 -32.11 18.94
CA LYS A 54 17.31 -31.93 17.67
C LYS A 54 18.32 -31.84 16.52
N CYS A 55 19.39 -31.08 16.74
CA CYS A 55 20.41 -30.87 15.76
C CYS A 55 21.03 -32.21 15.37
N MET A 56 21.38 -33.00 16.39
CA MET A 56 22.01 -34.28 16.12
C MET A 56 21.04 -35.25 15.41
N ARG A 57 19.83 -35.44 15.94
CA ARG A 57 18.86 -36.33 15.28
C ARG A 57 18.54 -35.92 13.84
N SER A 58 18.31 -34.64 13.60
CA SER A 58 17.96 -34.21 12.24
C SER A 58 19.13 -34.39 11.26
N ILE A 59 20.35 -34.17 11.73
CA ILE A 59 21.46 -34.26 10.80
C ILE A 59 21.82 -35.72 10.63
N ARG A 60 21.73 -36.50 11.71
CA ARG A 60 22.04 -37.93 11.61
C ARG A 60 21.10 -38.65 10.67
N ARG A 61 19.81 -38.33 10.74
CA ARG A 61 18.85 -38.88 9.82
C ARG A 61 19.17 -38.53 8.37
N TRP A 62 19.66 -37.32 8.11
CA TRP A 62 19.99 -37.01 6.74
C TRP A 62 21.27 -37.76 6.37
N ALA A 63 22.19 -37.88 7.32
CA ALA A 63 23.42 -38.63 7.09
C ALA A 63 23.10 -40.06 6.67
N TYR A 64 22.19 -40.70 7.38
CA TYR A 64 21.80 -42.06 7.04
C TYR A 64 21.25 -42.16 5.62
N GLU A 65 20.23 -41.38 5.32
CA GLU A 65 19.68 -41.32 3.98
C GLU A 65 20.77 -41.13 2.92
N MET A 66 21.67 -40.17 3.13
CA MET A 66 22.64 -39.78 2.11
C MET A 66 23.84 -40.75 2.02
N PHE A 67 24.49 -41.01 3.16
CA PHE A 67 25.73 -41.80 3.19
C PHE A 67 25.55 -43.24 3.67
N ARG A 68 24.38 -43.56 4.22
CA ARG A 68 24.11 -44.89 4.81
C ARG A 68 24.96 -45.08 6.05
N ASN A 69 25.28 -43.96 6.69
CA ASN A 69 26.13 -43.92 7.89
C ASN A 69 25.63 -42.75 8.76
N GLU A 70 24.87 -43.06 9.80
CA GLU A 70 24.32 -42.01 10.65
C GLU A 70 25.41 -41.13 11.35
N ARG A 71 26.66 -41.61 11.39
CA ARG A 71 27.76 -40.88 12.02
C ARG A 71 28.72 -40.21 11.02
N ALA A 72 28.29 -40.09 9.75
CA ALA A 72 29.08 -39.47 8.70
C ALA A 72 29.52 -38.04 9.04
N ILE A 73 28.64 -37.30 9.71
CA ILE A 73 28.95 -35.99 10.29
C ILE A 73 29.13 -36.23 11.80
N ARG A 74 30.27 -35.87 12.37
CA ARG A 74 30.45 -36.04 13.81
C ARG A 74 30.00 -34.82 14.59
N PHE A 75 29.60 -34.99 15.85
CA PHE A 75 29.20 -33.86 16.68
C PHE A 75 29.99 -33.71 17.96
N VAL A 76 30.32 -32.45 18.26
CA VAL A 76 31.00 -32.11 19.49
C VAL A 76 30.12 -31.14 20.27
N VAL A 77 29.74 -31.51 21.51
CA VAL A 77 28.93 -30.65 22.36
C VAL A 77 29.73 -30.01 23.50
N MET A 78 29.33 -28.82 23.89
CA MET A 78 29.90 -28.17 25.05
C MET A 78 29.04 -28.55 26.24
N VAL A 79 29.68 -28.77 27.39
CA VAL A 79 29.00 -29.31 28.55
C VAL A 79 29.39 -28.60 29.85
N THR A 80 28.42 -27.89 30.43
CA THR A 80 28.56 -27.30 31.77
C THR A 80 28.60 -28.43 32.85
N PRO A 81 29.20 -28.15 34.03
CA PRO A 81 29.19 -29.19 35.07
C PRO A 81 27.77 -29.54 35.57
N GLU A 82 26.88 -28.53 35.66
CA GLU A 82 25.47 -28.79 35.94
C GLU A 82 24.95 -29.97 35.10
N ASP A 83 25.19 -29.90 33.79
CA ASP A 83 24.76 -30.94 32.84
C ASP A 83 25.54 -32.24 32.94
N LEU A 84 26.78 -32.18 33.37
CA LEU A 84 27.62 -33.38 33.51
C LEU A 84 27.22 -34.17 34.76
N LYS A 85 26.91 -33.48 35.83
CA LYS A 85 26.49 -34.12 37.04
C LYS A 85 25.23 -34.88 36.81
N ALA A 86 24.32 -34.25 36.08
CA ALA A 86 23.01 -34.79 35.72
C ALA A 86 23.06 -35.84 34.69
N ASN A 87 24.16 -36.02 34.02
CA ASN A 87 24.16 -36.92 32.92
C ASN A 87 23.02 -36.66 31.96
N ALA A 88 22.96 -35.42 31.51
CA ALA A 88 22.03 -35.03 30.50
C ALA A 88 22.36 -35.84 29.27
N GLU A 89 21.31 -36.18 28.55
CA GLU A 89 21.32 -37.11 27.44
C GLU A 89 22.10 -36.67 26.21
N TYR A 90 22.06 -35.40 25.93
CA TYR A 90 22.79 -34.85 24.81
C TYR A 90 24.31 -35.17 24.81
N ILE A 91 24.89 -35.27 26.01
CA ILE A 91 26.27 -35.70 26.18
C ILE A 91 26.49 -37.12 25.63
N LYS A 92 25.72 -38.09 26.13
CA LYS A 92 25.86 -39.47 25.63
C LYS A 92 25.70 -39.49 24.13
N MET A 93 24.73 -38.72 23.66
CA MET A 93 24.31 -38.69 22.28
C MET A 93 25.42 -38.22 21.32
N ALA A 94 26.24 -37.29 21.80
CA ALA A 94 27.27 -36.67 21.00
C ALA A 94 28.49 -37.57 20.86
N ASP A 95 29.25 -37.36 19.78
CA ASP A 95 30.43 -38.16 19.52
C ASP A 95 31.57 -37.86 20.50
N HIS A 96 31.73 -36.60 20.87
CA HIS A 96 32.81 -36.19 21.74
C HIS A 96 32.28 -34.95 22.45
N TYR A 97 32.77 -34.65 23.65
CA TYR A 97 32.26 -33.46 24.36
C TYR A 97 33.36 -32.64 25.02
N VAL A 98 33.09 -31.37 25.26
CA VAL A 98 34.12 -30.53 25.81
C VAL A 98 33.60 -29.85 27.06
N PRO A 99 34.19 -30.18 28.23
CA PRO A 99 33.72 -29.50 29.46
C PRO A 99 33.97 -28.00 29.38
N VAL A 100 32.97 -27.20 29.73
CA VAL A 100 33.09 -25.73 29.76
C VAL A 100 32.71 -25.23 31.18
N PRO A 101 33.08 -23.98 31.52
CA PRO A 101 32.74 -23.46 32.86
C PRO A 101 31.24 -23.40 33.13
N GLY A 102 30.86 -23.52 34.41
CA GLY A 102 29.47 -23.32 34.80
C GLY A 102 29.16 -21.84 34.97
N GLY A 103 28.01 -21.55 35.54
CA GLY A 103 27.55 -20.18 35.71
C GLY A 103 26.58 -19.80 34.60
N PRO A 104 26.37 -18.48 34.48
CA PRO A 104 25.49 -17.88 33.48
C PRO A 104 26.09 -17.95 32.08
N ASN A 105 25.28 -17.59 31.08
CA ASN A 105 25.58 -17.83 29.68
C ASN A 105 26.89 -17.21 29.18
N ASN A 106 27.30 -16.09 29.77
CA ASN A 106 28.50 -15.41 29.30
C ASN A 106 29.70 -16.34 29.41
N ASN A 107 29.78 -17.10 30.50
CA ASN A 107 30.72 -18.23 30.57
C ASN A 107 30.00 -19.30 29.77
N ASN A 108 30.69 -20.26 29.18
CA ASN A 108 29.96 -21.28 28.38
C ASN A 108 29.07 -20.79 27.19
N TYR A 109 27.82 -21.26 27.05
CA TYR A 109 27.12 -21.26 25.73
C TYR A 109 26.95 -19.96 24.94
N ALA A 110 26.96 -18.82 25.60
CA ALA A 110 26.82 -17.54 24.92
C ALA A 110 28.16 -16.79 24.91
N ASN A 111 29.25 -17.50 25.19
CA ASN A 111 30.60 -16.92 25.17
C ASN A 111 31.28 -17.13 23.83
N VAL A 112 31.23 -16.11 22.95
CA VAL A 112 31.71 -16.23 21.56
C VAL A 112 33.15 -16.67 21.47
N GLU A 113 34.02 -15.97 22.21
CA GLU A 113 35.45 -16.29 22.25
C GLU A 113 35.70 -17.74 22.65
N LEU A 114 34.94 -18.25 23.62
CA LEU A 114 35.08 -19.65 24.03
C LEU A 114 34.65 -20.60 22.91
N ILE A 115 33.57 -20.25 22.21
CA ILE A 115 33.06 -21.11 21.16
C ILE A 115 34.10 -21.26 20.06
N VAL A 116 34.55 -20.12 19.57
CA VAL A 116 35.55 -20.07 18.52
C VAL A 116 36.81 -20.84 18.95
N ASP A 117 37.28 -20.57 20.15
CA ASP A 117 38.46 -21.20 20.67
C ASP A 117 38.30 -22.71 20.66
N ILE A 118 37.14 -23.20 21.11
CA ILE A 118 36.90 -24.65 21.14
C ILE A 118 36.82 -25.21 19.73
N ALA A 119 36.11 -24.49 18.85
CA ALA A 119 36.05 -24.80 17.42
C ALA A 119 37.41 -24.88 16.75
N LYS A 120 38.29 -23.93 17.04
CA LYS A 120 39.62 -23.90 16.43
C LYS A 120 40.51 -25.03 16.89
N ARG A 121 40.31 -25.47 18.14
CA ARG A 121 41.26 -26.36 18.82
C ARG A 121 40.95 -27.84 18.54
N ILE A 122 39.69 -28.17 18.25
CA ILE A 122 39.26 -29.56 18.08
C ILE A 122 39.98 -30.28 16.95
N PRO A 123 39.93 -29.76 15.70
CA PRO A 123 39.14 -28.65 15.16
C PRO A 123 37.80 -29.16 14.60
N VAL A 124 36.80 -28.28 14.49
CA VAL A 124 35.61 -28.58 13.71
C VAL A 124 35.62 -27.68 12.46
N GLN A 125 34.73 -27.93 11.51
CA GLN A 125 34.61 -27.10 10.31
C GLN A 125 33.40 -26.15 10.39
N ALA A 126 32.53 -26.34 11.36
CA ALA A 126 31.35 -25.46 11.48
C ALA A 126 30.75 -25.51 12.87
N VAL A 127 29.92 -24.51 13.17
CA VAL A 127 29.27 -24.37 14.45
C VAL A 127 27.78 -24.24 14.21
N TRP A 128 26.99 -24.90 15.04
CA TRP A 128 25.55 -24.68 15.03
C TRP A 128 25.21 -24.24 16.43
N ALA A 129 24.51 -23.11 16.51
CA ALA A 129 24.16 -22.54 17.82
C ALA A 129 22.66 -22.68 18.13
N GLY A 130 21.84 -22.93 17.13
CA GLY A 130 20.42 -23.10 17.30
C GLY A 130 19.74 -21.81 17.65
N TRP A 131 19.05 -21.78 18.76
CA TRP A 131 18.32 -20.65 19.25
C TRP A 131 18.68 -20.52 20.67
N GLY A 132 18.50 -19.36 21.24
CA GLY A 132 18.98 -19.07 22.57
C GLY A 132 20.41 -18.62 22.58
N HIS A 133 20.91 -18.25 23.74
CA HIS A 133 22.33 -18.01 23.88
C HIS A 133 22.92 -17.05 22.91
N ALA A 134 23.90 -17.53 22.17
CA ALA A 134 24.65 -16.73 21.24
C ALA A 134 24.18 -16.76 19.81
N SER A 135 23.02 -17.30 19.55
CA SER A 135 22.50 -17.44 18.21
C SER A 135 22.24 -16.14 17.47
N GLU A 136 21.84 -15.12 18.19
CA GLU A 136 21.63 -13.81 17.62
C GLU A 136 22.82 -12.85 17.72
N ASN A 137 23.93 -13.31 18.23
CA ASN A 137 25.11 -12.46 18.39
C ASN A 137 25.97 -12.44 17.11
N PRO A 138 25.97 -11.30 16.39
CA PRO A 138 26.73 -11.24 15.13
C PRO A 138 28.20 -11.52 15.31
N LYS A 139 28.77 -11.24 16.49
CA LYS A 139 30.19 -11.51 16.73
C LYS A 139 30.49 -13.00 16.48
N LEU A 140 29.46 -13.84 16.65
CA LEU A 140 29.67 -15.27 16.46
C LEU A 140 30.08 -15.60 15.03
N PRO A 141 29.21 -15.36 14.03
CA PRO A 141 29.66 -15.64 12.64
C PRO A 141 30.84 -14.79 12.18
N GLU A 142 31.01 -13.59 12.71
CA GLU A 142 32.21 -12.78 12.39
C GLU A 142 33.51 -13.48 12.82
N LEU A 143 33.58 -13.84 14.10
CA LEU A 143 34.77 -14.47 14.63
C LEU A 143 35.04 -15.87 14.07
N LEU A 144 33.96 -16.59 13.74
CA LEU A 144 34.07 -17.86 13.05
C LEU A 144 34.59 -17.60 11.64
N CYS A 145 33.97 -16.67 10.94
CA CYS A 145 34.38 -16.44 9.58
C CYS A 145 35.88 -16.12 9.53
N LYS A 146 36.33 -15.16 10.35
CA LYS A 146 37.73 -14.76 10.39
C LYS A 146 38.68 -15.92 10.68
N ASN A 147 38.14 -16.94 11.34
CA ASN A 147 38.94 -18.10 11.72
C ASN A 147 38.70 -19.26 10.79
N GLY A 148 37.89 -19.03 9.76
CA GLY A 148 37.70 -20.00 8.68
C GLY A 148 36.81 -21.18 9.08
N VAL A 149 35.83 -20.95 9.95
CA VAL A 149 34.94 -22.00 10.44
C VAL A 149 33.52 -21.61 10.00
N ALA A 150 32.73 -22.56 9.52
CA ALA A 150 31.41 -22.19 9.03
C ALA A 150 30.44 -21.90 10.17
N PHE A 151 29.45 -21.04 9.88
CA PHE A 151 28.33 -20.92 10.76
C PHE A 151 27.03 -21.53 10.16
N LEU A 152 26.28 -22.30 10.95
CA LEU A 152 24.98 -22.75 10.45
C LEU A 152 23.90 -21.71 10.75
N GLY A 153 23.92 -20.64 9.96
CA GLY A 153 23.11 -19.45 10.20
C GLY A 153 23.60 -18.31 9.30
N PRO A 154 23.00 -17.13 9.41
CA PRO A 154 23.33 -16.11 8.40
C PRO A 154 24.66 -15.47 8.70
N PRO A 155 25.26 -14.79 7.71
CA PRO A 155 26.56 -14.20 8.03
C PRO A 155 26.37 -12.93 8.86
N SER A 156 27.46 -12.39 9.41
CA SER A 156 27.36 -11.22 10.30
C SER A 156 26.85 -9.95 9.61
N GLU A 157 27.30 -9.69 8.38
CA GLU A 157 26.75 -8.53 7.66
C GLU A 157 25.18 -8.54 7.63
N ALA A 158 24.57 -9.67 7.30
CA ALA A 158 23.12 -9.78 7.33
C ALA A 158 22.62 -9.64 8.75
N MET A 159 23.34 -10.19 9.71
CA MET A 159 22.88 -10.16 11.08
C MET A 159 22.90 -8.75 11.66
N TRP A 160 23.93 -7.97 11.29
CA TRP A 160 24.02 -6.55 11.66
C TRP A 160 22.85 -5.74 11.09
N ALA A 161 22.64 -5.78 9.77
CA ALA A 161 21.48 -5.07 9.16
C ALA A 161 20.15 -5.29 9.91
N LEU A 162 19.90 -6.51 10.36
CA LEU A 162 18.68 -6.88 11.11
C LEU A 162 18.81 -6.71 12.63
N GLY A 163 20.02 -6.40 13.08
CA GLY A 163 20.30 -6.24 14.52
C GLY A 163 19.61 -5.03 15.11
N ASP A 164 19.62 -3.93 14.37
CA ASP A 164 18.95 -2.73 14.80
C ASP A 164 17.52 -2.72 14.24
N LYS A 165 16.53 -2.57 15.11
CA LYS A 165 15.13 -2.50 14.72
C LYS A 165 14.84 -1.30 13.82
N ILE A 166 15.62 -0.25 14.00
CA ILE A 166 15.51 0.94 13.19
C ILE A 166 16.02 0.68 11.76
N ALA A 167 17.21 0.11 11.62
CA ALA A 167 17.77 -0.13 10.31
C ALA A 167 16.90 -1.15 9.63
N SER A 168 16.35 -2.04 10.42
CA SER A 168 15.59 -3.15 9.88
C SER A 168 14.27 -2.70 9.26
N THR A 169 13.49 -1.90 10.01
CA THR A 169 12.22 -1.37 9.54
C THR A 169 12.40 -0.42 8.37
N VAL A 170 13.37 0.50 8.42
CA VAL A 170 13.54 1.35 7.24
C VAL A 170 14.02 0.60 6.00
N VAL A 171 14.87 -0.41 6.16
CA VAL A 171 15.17 -1.30 5.04
C VAL A 171 13.85 -1.88 4.48
N ALA A 172 13.04 -2.48 5.35
CA ALA A 172 11.75 -3.02 4.93
C ALA A 172 10.89 -1.98 4.19
N GLN A 173 10.81 -0.78 4.74
CA GLN A 173 10.03 0.27 4.12
C GLN A 173 10.55 0.63 2.71
N THR A 174 11.87 0.58 2.50
CA THR A 174 12.41 0.96 1.20
C THR A 174 12.09 -0.09 0.14
N LEU A 175 11.90 -1.32 0.57
CA LEU A 175 11.35 -2.35 -0.31
C LEU A 175 9.82 -2.32 -0.39
N GLN A 176 9.19 -1.36 0.29
CA GLN A 176 7.74 -1.14 0.17
C GLN A 176 6.96 -2.27 0.78
N VAL A 177 7.55 -2.84 1.83
CA VAL A 177 6.86 -3.76 2.70
C VAL A 177 6.16 -2.91 3.74
N PRO A 178 4.86 -3.16 3.97
CA PRO A 178 4.07 -2.45 4.97
C PRO A 178 4.62 -2.59 6.39
N THR A 179 4.60 -1.48 7.13
CA THR A 179 5.01 -1.45 8.53
C THR A 179 3.96 -0.72 9.35
N LEU A 180 3.88 -0.98 10.66
CA LEU A 180 2.94 -0.26 11.52
C LEU A 180 3.37 1.22 11.66
N PRO A 181 2.42 2.11 12.03
CA PRO A 181 2.78 3.50 12.29
C PRO A 181 3.83 3.59 13.39
N TRP A 182 4.85 4.41 13.17
CA TRP A 182 5.97 4.52 14.10
C TRP A 182 6.85 5.76 13.82
N SER A 183 7.79 6.00 14.74
CA SER A 183 8.63 7.19 14.81
C SER A 183 9.36 7.41 13.48
N GLY A 184 9.69 6.33 12.77
CA GLY A 184 10.32 6.47 11.47
C GLY A 184 9.48 6.03 10.30
N SER A 185 8.14 6.14 10.41
CA SER A 185 7.26 5.76 9.31
C SER A 185 7.63 6.57 8.07
N GLY A 186 7.68 5.91 6.92
CA GLY A 186 7.98 6.65 5.70
C GLY A 186 9.45 6.96 5.39
N LEU A 187 10.37 6.67 6.31
CA LEU A 187 11.79 6.91 6.02
C LEU A 187 12.34 5.85 5.10
N THR A 188 13.30 6.25 4.28
CA THR A 188 13.74 5.49 3.12
C THR A 188 15.23 5.70 2.88
N VAL A 189 15.92 4.68 2.40
CA VAL A 189 17.30 4.84 1.92
C VAL A 189 17.36 4.62 0.42
N GLU A 190 18.35 5.25 -0.23
CA GLU A 190 18.57 5.09 -1.67
C GLU A 190 18.90 3.63 -1.98
N TRP A 191 18.10 3.04 -2.86
CA TRP A 191 18.24 1.62 -3.19
C TRP A 191 17.78 1.29 -4.62
N LYS A 200 26.34 -2.32 -2.88
CA LYS A 200 25.95 -3.71 -2.81
C LYS A 200 25.42 -4.10 -1.43
N ARG A 201 25.92 -3.43 -0.38
CA ARG A 201 25.42 -3.64 0.99
C ARG A 201 24.56 -2.46 1.39
N ILE A 202 23.39 -2.74 1.91
CA ILE A 202 22.47 -1.69 2.29
C ILE A 202 22.87 -1.07 3.64
N SER A 203 22.94 0.26 3.68
CA SER A 203 23.31 0.96 4.91
C SER A 203 22.30 2.09 5.21
N VAL A 204 22.21 2.42 6.49
CA VAL A 204 21.26 3.41 6.99
C VAL A 204 22.07 4.54 7.64
N PRO A 205 22.12 5.73 6.99
CA PRO A 205 22.92 6.90 7.38
C PRO A 205 22.36 7.69 8.56
N GLU A 206 23.25 8.27 9.36
CA GLU A 206 22.90 8.98 10.60
C GLU A 206 21.58 9.73 10.52
N ASP A 207 21.42 10.49 9.45
CA ASP A 207 20.24 11.25 9.13
C ASP A 207 18.93 10.50 9.39
N VAL A 208 18.86 9.28 8.88
CA VAL A 208 17.69 8.44 9.01
C VAL A 208 17.41 8.01 10.47
N TYR A 209 18.44 7.61 11.20
CA TYR A 209 18.28 7.27 12.61
C TYR A 209 17.82 8.47 13.41
N ASP A 210 18.44 9.60 13.16
CA ASP A 210 18.07 10.80 13.86
C ASP A 210 16.57 11.10 13.71
N LYS A 211 16.03 10.91 12.50
CA LYS A 211 14.59 11.13 12.28
C LYS A 211 13.71 9.96 12.76
N GLY A 212 14.25 8.76 12.79
CA GLY A 212 13.52 7.60 13.31
C GLY A 212 13.47 7.49 14.83
N CYS A 213 14.30 8.24 15.53
CA CYS A 213 14.34 8.12 16.99
C CYS A 213 13.73 9.29 17.68
N VAL A 214 13.59 9.16 19.00
CA VAL A 214 13.18 10.28 19.82
C VAL A 214 14.19 10.51 20.94
N LYS A 215 14.74 11.72 21.01
CA LYS A 215 15.86 11.99 21.93
C LYS A 215 15.45 12.08 23.39
N ASP A 216 14.22 12.49 23.63
CA ASP A 216 13.78 12.86 24.97
C ASP A 216 12.26 12.88 24.96
N VAL A 217 11.65 13.13 26.11
CA VAL A 217 10.20 13.05 26.23
C VAL A 217 9.48 14.08 25.33
N ASP A 218 10.04 15.28 25.22
CA ASP A 218 9.41 16.30 24.39
C ASP A 218 9.22 15.75 22.98
N GLU A 219 10.33 15.31 22.38
CA GLU A 219 10.36 14.80 21.02
C GLU A 219 9.49 13.55 20.91
N GLY A 220 9.58 12.71 21.93
CA GLY A 220 8.71 11.53 22.10
C GLY A 220 7.23 11.85 21.99
N LEU A 221 6.80 12.87 22.71
CA LEU A 221 5.37 13.28 22.71
C LEU A 221 4.91 13.90 21.39
N GLU A 222 5.79 14.70 20.76
CA GLU A 222 5.61 15.19 19.40
C GLU A 222 5.46 14.02 18.45
N ALA A 223 6.32 13.02 18.59
CA ALA A 223 6.29 11.87 17.69
C ALA A 223 5.02 11.09 17.92
N ALA A 224 4.70 10.90 19.20
CA ALA A 224 3.52 10.19 19.63
C ALA A 224 2.27 10.72 18.94
N GLU A 225 2.29 12.01 18.60
CA GLU A 225 1.17 12.66 17.94
C GLU A 225 0.95 12.21 16.50
N ARG A 226 2.02 11.79 15.81
CA ARG A 226 1.86 11.29 14.43
C ARG A 226 1.43 9.84 14.45
N ILE A 227 1.67 9.16 15.57
CA ILE A 227 1.53 7.72 15.67
C ILE A 227 0.21 7.31 16.32
N GLY A 228 -0.11 7.86 17.49
CA GLY A 228 -1.33 7.53 18.23
C GLY A 228 -1.12 6.49 19.33
N PHE A 229 -2.07 6.40 20.26
CA PHE A 229 -1.95 5.45 21.37
C PHE A 229 -2.93 4.30 21.23
N PRO A 230 -2.60 3.13 21.85
CA PRO A 230 -1.36 2.87 22.59
C PRO A 230 -0.17 2.51 21.69
N LEU A 231 1.03 2.86 22.16
CA LEU A 231 2.26 2.54 21.45
C LEU A 231 3.27 1.85 22.36
N MET A 232 4.27 1.23 21.73
CA MET A 232 5.45 0.73 22.42
C MET A 232 6.51 1.82 22.43
N ILE A 233 7.02 2.14 23.60
CA ILE A 233 8.24 2.89 23.68
C ILE A 233 9.32 1.84 23.85
N LYS A 234 10.29 1.83 22.93
CA LYS A 234 11.22 0.73 22.80
C LYS A 234 12.67 1.15 22.46
N ALA A 235 13.64 0.47 23.10
CA ALA A 235 15.07 0.74 22.94
C ALA A 235 15.72 -0.20 21.96
N SER A 236 16.19 0.33 20.82
CA SER A 236 16.82 -0.45 19.72
C SER A 236 18.12 -1.21 20.02
N GLU A 237 18.78 -0.90 21.14
CA GLU A 237 20.03 -1.61 21.53
C GLU A 237 19.68 -2.88 22.32
N GLY A 238 18.43 -2.95 22.80
CA GLY A 238 17.98 -4.08 23.60
C GLY A 238 16.70 -4.67 23.04
N LYS A 242 12.66 -7.66 26.57
CA LYS A 242 13.73 -6.93 27.28
C LYS A 242 13.36 -5.46 27.57
N GLY A 243 14.05 -4.48 26.94
CA GLY A 243 13.85 -3.02 27.22
C GLY A 243 12.70 -2.33 26.50
N ILE A 244 11.47 -2.79 26.74
CA ILE A 244 10.25 -2.37 26.03
C ILE A 244 9.16 -1.98 27.03
N ARG A 245 8.52 -0.85 26.83
CA ARG A 245 7.37 -0.45 27.64
C ARG A 245 6.14 -0.15 26.76
N LYS A 246 4.94 -0.43 27.29
CA LYS A 246 3.69 -0.15 26.59
C LYS A 246 3.06 1.11 27.19
N ALA A 247 2.76 2.07 26.34
CA ALA A 247 2.19 3.34 26.80
C ALA A 247 0.78 3.55 26.22
N GLU A 248 -0.13 3.98 27.07
CA GLU A 248 -1.53 4.00 26.71
C GLU A 248 -2.02 5.40 26.41
N SER A 249 -1.28 6.39 26.89
CA SER A 249 -1.67 7.80 26.76
C SER A 249 -0.47 8.75 26.92
N ALA A 250 -0.69 10.01 26.56
CA ALA A 250 0.33 11.05 26.67
C ALA A 250 0.73 11.29 28.13
N GLU A 251 -0.21 11.01 29.03
CA GLU A 251 -0.05 11.30 30.44
C GLU A 251 0.96 10.40 31.17
N ASP A 252 1.01 9.10 30.81
CA ASP A 252 1.96 8.16 31.40
C ASP A 252 3.21 7.85 30.52
N PHE A 253 3.34 8.58 29.41
CA PHE A 253 4.47 8.43 28.49
C PHE A 253 5.82 8.81 29.15
N PRO A 254 5.91 10.02 29.76
CA PRO A 254 7.21 10.47 30.24
C PRO A 254 7.87 9.50 31.21
N ILE A 255 7.11 8.98 32.18
CA ILE A 255 7.70 8.07 33.17
C ILE A 255 8.25 6.82 32.50
N LEU A 256 7.42 6.18 31.68
CA LEU A 256 7.79 4.93 31.00
C LEU A 256 8.91 5.14 29.95
N PHE A 257 9.04 6.35 29.44
CA PHE A 257 10.15 6.68 28.56
C PHE A 257 11.47 6.78 29.34
N ARG A 258 11.47 7.61 30.38
CA ARG A 258 12.56 7.71 31.37
C ARG A 258 12.95 6.31 31.86
N GLN A 259 11.98 5.42 31.97
CA GLN A 259 12.26 4.06 32.38
C GLN A 259 12.96 3.21 31.33
N VAL A 260 12.61 3.36 30.07
CA VAL A 260 13.26 2.57 29.00
C VAL A 260 14.67 3.09 28.81
N GLN A 261 14.79 4.40 28.93
CA GLN A 261 16.08 5.07 28.81
C GLN A 261 17.04 4.53 29.89
N SER A 262 16.68 4.72 31.16
CA SER A 262 17.47 4.23 32.33
C SER A 262 17.68 2.73 32.39
N GLU A 263 16.87 1.95 31.67
CA GLU A 263 17.05 0.50 31.62
C GLU A 263 18.22 0.18 30.72
N ILE A 264 18.15 0.64 29.47
CA ILE A 264 19.22 0.42 28.50
C ILE A 264 19.96 1.74 28.14
N PRO A 265 20.93 2.16 28.98
CA PRO A 265 21.58 3.45 28.73
C PRO A 265 22.36 3.45 27.40
N GLY A 266 22.42 4.62 26.76
CA GLY A 266 23.07 4.75 25.47
C GLY A 266 22.27 4.30 24.26
N SER A 267 21.11 3.71 24.48
CA SER A 267 20.30 3.25 23.35
C SER A 267 19.47 4.34 22.69
N PRO A 268 19.44 4.36 21.35
CA PRO A 268 18.40 5.15 20.71
C PRO A 268 17.06 4.50 21.02
N ILE A 269 16.02 5.32 21.17
CA ILE A 269 14.71 4.77 21.31
C ILE A 269 13.75 5.29 20.23
N PHE A 270 12.84 4.40 19.80
CA PHE A 270 11.79 4.73 18.84
C PHE A 270 10.45 4.25 19.36
N LEU A 271 9.37 4.65 18.69
CA LEU A 271 8.02 4.35 19.14
C LEU A 271 7.33 3.66 18.03
N MET A 272 6.51 2.68 18.38
CA MET A 272 5.68 1.97 17.41
C MET A 272 4.29 1.65 17.97
N LYS A 273 3.28 1.84 17.14
CA LYS A 273 1.89 1.66 17.52
C LYS A 273 1.63 0.20 17.70
N LEU A 274 0.67 -0.15 18.54
CA LEU A 274 0.21 -1.52 18.62
C LEU A 274 -0.74 -1.88 17.51
N ALA A 275 -0.75 -3.13 17.12
CA ALA A 275 -1.75 -3.68 16.23
C ALA A 275 -3.07 -3.96 16.93
N GLN A 276 -4.17 -4.04 16.20
CA GLN A 276 -5.45 -4.07 16.84
C GLN A 276 -6.17 -5.37 17.04
N HIS A 277 -6.40 -6.08 15.98
CA HIS A 277 -7.22 -7.23 16.06
C HIS A 277 -6.40 -8.16 15.27
N ALA A 278 -5.29 -8.59 15.87
CA ALA A 278 -4.14 -9.20 15.18
C ALA A 278 -3.45 -10.43 15.78
N ARG A 279 -2.76 -11.20 14.94
CA ARG A 279 -1.90 -12.30 15.36
C ARG A 279 -0.46 -12.08 14.90
N HIS A 280 0.52 -12.54 15.66
CA HIS A 280 1.88 -12.65 15.20
C HIS A 280 1.97 -13.81 14.21
N LEU A 281 2.47 -13.59 13.00
CA LEU A 281 2.76 -14.71 12.11
C LEU A 281 4.12 -14.60 11.44
N GLU A 282 4.56 -15.69 10.84
CA GLU A 282 5.94 -15.74 10.42
C GLU A 282 6.02 -16.38 9.08
N VAL A 283 6.80 -15.82 8.18
CA VAL A 283 7.15 -16.56 6.98
C VAL A 283 8.47 -17.26 7.30
N GLN A 284 8.63 -18.50 6.87
CA GLN A 284 9.89 -19.19 7.10
C GLN A 284 10.67 -19.09 5.81
N ILE A 285 11.84 -18.47 5.88
CA ILE A 285 12.68 -18.38 4.72
C ILE A 285 13.89 -19.29 4.84
N LEU A 286 14.34 -19.79 3.70
CA LEU A 286 15.56 -20.55 3.60
C LEU A 286 16.36 -19.96 2.47
N ALA A 287 17.58 -19.50 2.73
CA ALA A 287 18.45 -18.98 1.66
C ALA A 287 19.81 -19.70 1.55
N ASP A 288 20.35 -19.75 0.33
CA ASP A 288 21.68 -20.34 0.14
C ASP A 288 22.76 -19.22 0.03
N GLN A 289 23.93 -19.54 -0.51
CA GLN A 289 25.04 -18.59 -0.52
C GLN A 289 25.22 -17.97 -1.88
N TYR A 290 24.19 -18.03 -2.70
CA TYR A 290 24.30 -17.57 -4.09
C TYR A 290 23.15 -16.65 -4.42
N GLY A 291 22.47 -16.17 -3.39
CA GLY A 291 21.35 -15.27 -3.57
C GLY A 291 19.96 -15.85 -3.80
N ASN A 292 19.80 -17.17 -3.72
CA ASN A 292 18.52 -17.82 -3.92
C ASN A 292 17.85 -17.95 -2.58
N ALA A 293 16.59 -17.63 -2.49
CA ALA A 293 15.92 -17.73 -1.24
C ALA A 293 14.57 -18.33 -1.45
N VAL A 294 14.12 -19.10 -0.51
CA VAL A 294 12.84 -19.72 -0.66
C VAL A 294 12.02 -19.55 0.59
N SER A 295 10.73 -19.39 0.44
CA SER A 295 9.83 -19.34 1.55
C SER A 295 9.29 -20.71 1.78
N LEU A 296 9.08 -21.07 3.03
CA LEU A 296 8.52 -22.38 3.37
C LEU A 296 7.21 -22.23 4.14
N PHE A 297 6.24 -21.60 3.52
CA PHE A 297 4.95 -21.36 4.14
C PHE A 297 5.26 -20.55 5.34
N GLY A 298 4.39 -20.53 6.33
CA GLY A 298 4.63 -19.80 7.53
C GLY A 298 4.07 -20.49 8.74
N ARG A 299 4.01 -19.74 9.84
CA ARG A 299 3.53 -20.19 11.12
C ARG A 299 2.65 -19.16 11.73
N ASP A 300 1.73 -19.55 12.59
CA ASP A 300 0.77 -18.64 13.20
C ASP A 300 0.77 -18.82 14.69
N CYS A 301 0.79 -17.78 15.48
CA CYS A 301 0.66 -18.00 16.88
C CYS A 301 -0.76 -17.77 17.28
N SER A 302 -1.49 -18.85 17.44
CA SER A 302 -2.95 -18.75 17.69
C SER A 302 -3.34 -18.50 19.15
N ILE A 303 -2.44 -18.79 20.08
CA ILE A 303 -2.66 -18.45 21.48
C ILE A 303 -1.38 -17.92 22.11
N GLN A 304 -1.49 -16.71 22.66
CA GLN A 304 -0.36 -16.09 23.32
C GLN A 304 -0.78 -15.57 24.67
N ARG A 305 0.11 -15.73 25.66
CA ARG A 305 -0.17 -15.30 27.02
C ARG A 305 1.11 -14.83 27.68
N ARG A 306 1.04 -13.66 28.32
CA ARG A 306 2.21 -13.05 28.97
C ARG A 306 3.46 -13.06 28.06
N HIS A 307 3.26 -12.67 26.79
CA HIS A 307 4.38 -12.47 25.87
C HIS A 307 5.01 -13.75 25.36
N GLN A 308 4.36 -14.90 25.60
CA GLN A 308 4.85 -16.24 25.22
C GLN A 308 3.98 -16.92 24.16
N LYS A 309 4.60 -17.72 23.29
CA LYS A 309 3.91 -18.54 22.28
C LYS A 309 3.38 -19.81 22.91
N ILE A 310 2.08 -19.87 23.18
CA ILE A 310 1.45 -21.07 23.75
C ILE A 310 1.06 -22.08 22.68
N VAL A 311 0.40 -21.63 21.60
CA VAL A 311 0.10 -22.49 20.47
C VAL A 311 0.60 -21.89 19.13
N GLU A 312 1.53 -22.57 18.46
CA GLU A 312 1.92 -22.23 17.07
C GLU A 312 1.29 -23.21 16.10
N GLU A 313 0.79 -22.72 14.97
CA GLU A 313 0.28 -23.59 13.91
C GLU A 313 1.05 -23.40 12.60
N ALA A 314 1.05 -24.43 11.75
CA ALA A 314 1.58 -24.35 10.38
C ALA A 314 0.69 -25.18 9.50
N PRO A 315 0.28 -24.65 8.33
CA PRO A 315 0.50 -23.31 7.76
C PRO A 315 -0.35 -22.28 8.50
N ALA A 316 -0.21 -21.02 8.15
CA ALA A 316 -0.92 -19.95 8.84
C ALA A 316 -2.21 -19.74 8.10
N THR A 317 -3.19 -20.58 8.40
CA THR A 317 -4.41 -20.58 7.59
C THR A 317 -5.27 -19.34 7.86
N ILE A 318 -5.11 -18.72 9.04
CA ILE A 318 -5.76 -17.45 9.32
C ILE A 318 -5.63 -16.45 8.15
N ALA A 319 -4.48 -16.48 7.46
CA ALA A 319 -4.25 -15.61 6.35
C ALA A 319 -4.63 -16.32 5.06
N PRO A 320 -5.47 -15.69 4.24
CA PRO A 320 -5.74 -16.29 2.93
C PRO A 320 -4.50 -16.26 2.07
N LEU A 321 -4.27 -17.34 1.34
CA LEU A 321 -3.20 -17.50 0.37
C LEU A 321 -2.78 -16.25 -0.44
N ALA A 322 -3.72 -15.53 -1.03
CA ALA A 322 -3.36 -14.43 -1.90
C ALA A 322 -2.51 -13.48 -1.07
N ILE A 323 -3.00 -13.18 0.14
CA ILE A 323 -2.26 -12.28 1.03
C ILE A 323 -1.00 -12.92 1.61
N PHE A 324 -1.05 -14.19 1.99
CA PHE A 324 0.18 -14.83 2.48
C PHE A 324 1.27 -14.94 1.43
N GLU A 325 0.91 -15.28 0.20
CA GLU A 325 1.91 -15.32 -0.85
C GLU A 325 2.63 -13.98 -1.03
N PHE A 326 1.91 -12.88 -0.89
CA PHE A 326 2.53 -11.57 -0.90
C PHE A 326 3.45 -11.35 0.32
N MET A 327 3.09 -11.86 1.49
CA MET A 327 3.95 -11.75 2.66
C MET A 327 5.20 -12.57 2.45
N GLU A 328 5.07 -13.70 1.77
CA GLU A 328 6.22 -14.53 1.43
C GLU A 328 7.13 -13.82 0.42
N GLN A 329 6.55 -13.12 -0.54
CA GLN A 329 7.31 -12.40 -1.52
C GLN A 329 8.09 -11.26 -0.85
N CYS A 330 7.46 -10.61 0.12
CA CYS A 330 8.10 -9.56 0.89
C CYS A 330 9.30 -10.06 1.70
N ALA A 331 9.12 -11.19 2.37
CA ALA A 331 10.19 -11.79 3.17
C ALA A 331 11.37 -12.20 2.29
N ILE A 332 11.07 -12.74 1.12
CA ILE A 332 12.11 -13.19 0.21
C ILE A 332 12.90 -11.99 -0.29
N ARG A 333 12.19 -10.90 -0.63
CA ARG A 333 12.84 -9.65 -1.06
C ARG A 333 13.77 -9.18 0.08
N LEU A 334 13.26 -9.13 1.30
CA LEU A 334 14.03 -8.67 2.43
C LEU A 334 15.25 -9.56 2.67
N ALA A 335 15.03 -10.86 2.61
CA ALA A 335 16.10 -11.79 2.86
C ALA A 335 17.19 -11.57 1.82
N LYS A 336 16.80 -11.43 0.56
CA LYS A 336 17.80 -11.26 -0.48
C LYS A 336 18.58 -9.97 -0.29
N THR A 337 17.89 -8.87 0.01
CA THR A 337 18.61 -7.61 -0.02
C THR A 337 19.60 -7.43 1.11
N VAL A 338 19.32 -7.97 2.29
CA VAL A 338 20.33 -7.93 3.36
C VAL A 338 21.40 -9.03 3.25
N GLY A 339 21.36 -9.80 2.15
CA GLY A 339 22.34 -10.88 1.92
C GLY A 339 22.22 -12.05 2.90
N TYR A 340 21.01 -12.47 3.24
CA TYR A 340 20.77 -13.54 4.21
C TYR A 340 21.15 -14.91 3.74
N VAL A 341 21.60 -15.74 4.67
CA VAL A 341 21.93 -17.13 4.41
C VAL A 341 21.38 -17.99 5.54
N SER A 342 21.12 -19.27 5.26
CA SER A 342 20.57 -20.16 6.28
C SER A 342 19.07 -19.94 6.44
N ALA A 343 18.53 -20.41 7.57
CA ALA A 343 17.09 -20.33 7.82
C ALA A 343 16.75 -19.24 8.83
N GLY A 344 15.81 -18.38 8.45
CA GLY A 344 15.39 -17.28 9.26
C GLY A 344 13.92 -17.11 9.22
N THR A 345 13.34 -16.34 10.10
CA THR A 345 11.93 -16.12 10.04
C THR A 345 11.57 -14.65 9.92
N VAL A 346 10.63 -14.33 9.07
CA VAL A 346 10.16 -12.93 8.96
C VAL A 346 8.85 -12.82 9.72
N GLU A 347 8.82 -11.95 10.72
CA GLU A 347 7.66 -11.82 11.58
C GLU A 347 6.82 -10.68 11.10
N TYR A 348 5.53 -10.95 11.04
CA TYR A 348 4.56 -9.99 10.64
C TYR A 348 3.49 -9.90 11.71
N LEU A 349 2.61 -8.90 11.58
CA LEU A 349 1.38 -8.81 12.35
C LEU A 349 0.26 -8.86 11.35
N TYR A 350 -0.70 -9.73 11.56
CA TYR A 350 -1.82 -9.86 10.65
C TYR A 350 -3.16 -9.53 11.34
N SER A 351 -3.85 -8.52 10.81
CA SER A 351 -5.16 -8.11 11.31
C SER A 351 -6.30 -8.81 10.57
N GLN A 352 -7.40 -9.00 11.27
CA GLN A 352 -8.56 -9.65 10.72
C GLN A 352 -9.06 -8.96 9.43
N ASP A 353 -8.80 -7.65 9.30
CA ASP A 353 -9.20 -6.92 8.08
C ASP A 353 -8.23 -7.13 6.94
N GLY A 354 -7.35 -8.13 7.06
CA GLY A 354 -6.42 -8.49 5.99
C GLY A 354 -5.14 -7.68 5.95
N SER A 355 -5.10 -6.50 6.56
CA SER A 355 -3.84 -5.77 6.62
C SER A 355 -2.77 -6.53 7.46
N PHE A 356 -1.51 -6.34 7.11
CA PHE A 356 -0.37 -6.94 7.82
C PHE A 356 0.85 -5.99 7.87
N HIS A 357 1.75 -6.18 8.82
CA HIS A 357 2.87 -5.27 8.94
C HIS A 357 4.12 -5.99 9.33
N PHE A 358 5.23 -5.64 8.69
CA PHE A 358 6.53 -6.25 9.03
C PHE A 358 6.88 -5.84 10.43
N LEU A 359 7.43 -6.77 11.20
CA LEU A 359 7.96 -6.40 12.52
C LEU A 359 9.48 -6.64 12.64
N GLU A 360 9.98 -7.71 12.03
CA GLU A 360 11.30 -8.20 12.37
C GLU A 360 11.68 -9.42 11.56
N LEU A 361 12.99 -9.60 11.39
CA LEU A 361 13.54 -10.83 10.88
C LEU A 361 14.35 -11.48 11.99
N ASN A 362 13.88 -12.62 12.46
CA ASN A 362 14.58 -13.36 13.48
C ASN A 362 15.64 -14.23 12.79
N PRO A 363 16.94 -13.94 13.02
CA PRO A 363 17.99 -14.56 12.20
C PRO A 363 18.47 -15.95 12.68
N ARG A 364 17.56 -16.90 12.79
CA ARG A 364 17.86 -18.23 13.36
C ARG A 364 16.68 -19.18 13.21
N LEU A 365 16.92 -20.45 13.49
CA LEU A 365 15.84 -21.39 13.78
C LEU A 365 15.12 -21.02 15.07
N GLN A 366 13.84 -21.31 15.15
CA GLN A 366 13.14 -21.27 16.42
C GLN A 366 12.80 -22.68 16.89
N VAL A 367 12.56 -22.80 18.19
CA VAL A 367 12.17 -24.05 18.83
C VAL A 367 10.96 -24.69 18.12
N GLU A 368 10.06 -23.90 17.55
CA GLU A 368 8.87 -24.43 16.89
C GLU A 368 9.07 -24.88 15.43
N HIS A 369 10.31 -24.82 14.92
CA HIS A 369 10.53 -25.12 13.49
C HIS A 369 10.01 -26.46 12.94
N PRO A 370 9.93 -27.54 13.79
CA PRO A 370 9.38 -28.80 13.28
C PRO A 370 8.00 -28.67 12.65
N CYS A 371 7.19 -27.72 13.12
CA CYS A 371 5.92 -27.45 12.46
C CYS A 371 6.12 -27.32 10.95
N THR A 372 7.17 -26.59 10.58
CA THR A 372 7.49 -26.25 9.19
C THR A 372 8.15 -27.42 8.46
N GLU A 373 9.10 -28.06 9.12
CA GLU A 373 9.67 -29.26 8.57
C GLU A 373 8.55 -30.19 8.14
N MET A 374 7.59 -30.42 9.03
CA MET A 374 6.57 -31.45 8.83
C MET A 374 5.69 -31.14 7.62
N ILE A 375 5.13 -29.94 7.59
CA ILE A 375 4.27 -29.57 6.48
C ILE A 375 4.98 -29.39 5.14
N ALA A 376 6.29 -29.14 5.16
CA ALA A 376 7.01 -28.86 3.93
C ALA A 376 7.89 -30.02 3.46
N ASP A 377 7.99 -31.06 4.30
CA ASP A 377 9.00 -32.14 4.14
C ASP A 377 10.40 -31.63 3.86
N VAL A 378 10.83 -30.69 4.71
CA VAL A 378 12.16 -30.14 4.63
C VAL A 378 12.80 -30.42 5.96
N ASN A 379 13.95 -31.11 5.97
CA ASN A 379 14.75 -31.29 7.16
C ASN A 379 15.57 -29.98 7.31
N LEU A 380 15.22 -29.14 8.28
CA LEU A 380 15.84 -27.80 8.32
C LEU A 380 17.29 -27.81 8.83
N PRO A 381 17.59 -28.56 9.89
CA PRO A 381 19.02 -28.46 10.27
C PRO A 381 19.96 -29.12 9.23
N ALA A 382 19.49 -30.16 8.53
CA ALA A 382 20.26 -30.74 7.44
C ALA A 382 20.34 -29.81 6.20
N ALA A 383 19.34 -28.96 6.01
CA ALA A 383 19.41 -27.91 4.99
C ALA A 383 20.46 -26.88 5.38
N GLN A 384 20.50 -26.53 6.67
CA GLN A 384 21.51 -25.64 7.18
C GLN A 384 22.87 -26.24 6.89
N LEU A 385 23.09 -27.48 7.32
CA LEU A 385 24.41 -28.10 7.13
C LEU A 385 24.83 -28.05 5.66
N GLN A 386 23.94 -28.47 4.76
CA GLN A 386 24.28 -28.52 3.35
C GLN A 386 24.59 -27.14 2.74
N ILE A 387 23.84 -26.13 3.18
CA ILE A 387 24.01 -24.78 2.70
C ILE A 387 25.33 -24.17 3.20
N ALA A 388 25.66 -24.42 4.47
CA ALA A 388 27.01 -24.10 4.97
C ALA A 388 28.15 -24.81 4.19
N MET A 389 27.85 -25.89 3.48
CA MET A 389 28.85 -26.53 2.66
C MET A 389 28.85 -25.91 1.27
N GLY A 390 27.98 -24.92 1.08
CA GLY A 390 27.98 -24.16 -0.16
C GLY A 390 27.14 -24.83 -1.23
N VAL A 391 26.27 -25.77 -0.82
CA VAL A 391 25.35 -26.44 -1.73
C VAL A 391 24.19 -25.48 -2.03
N PRO A 392 23.89 -25.25 -3.30
CA PRO A 392 22.77 -24.32 -3.58
C PRO A 392 21.39 -24.96 -3.42
N LEU A 393 20.37 -24.13 -3.20
CA LEU A 393 19.00 -24.59 -2.94
C LEU A 393 18.48 -25.62 -3.93
N HIS A 394 18.69 -25.41 -5.21
CA HIS A 394 18.22 -26.39 -6.17
C HIS A 394 18.99 -27.74 -6.14
N ARG A 395 20.01 -27.86 -5.32
CA ARG A 395 20.61 -29.18 -5.11
C ARG A 395 20.21 -29.85 -3.81
N LEU A 396 19.34 -29.22 -3.02
CA LEU A 396 18.79 -29.91 -1.87
C LEU A 396 17.58 -30.74 -2.32
N LYS A 397 17.67 -32.06 -2.14
CA LYS A 397 16.58 -32.98 -2.48
C LYS A 397 15.19 -32.51 -1.95
N ASP A 398 15.15 -32.06 -0.70
CA ASP A 398 13.86 -31.71 -0.09
C ASP A 398 13.21 -30.54 -0.80
N ILE A 399 14.03 -29.55 -1.19
CA ILE A 399 13.55 -28.39 -1.89
C ILE A 399 13.09 -28.75 -3.32
N ARG A 400 13.85 -29.61 -3.99
CA ARG A 400 13.44 -30.03 -5.31
C ARG A 400 12.07 -30.71 -5.26
N LEU A 401 11.86 -31.58 -4.27
CA LEU A 401 10.65 -32.35 -4.19
C LEU A 401 9.49 -31.43 -3.88
N LEU A 402 9.72 -30.50 -2.95
CA LEU A 402 8.73 -29.52 -2.57
C LEU A 402 8.18 -28.81 -3.83
N TYR A 403 9.10 -28.30 -4.64
CA TYR A 403 8.82 -27.59 -5.86
C TYR A 403 8.47 -28.51 -7.01
N GLY A 404 8.22 -29.77 -6.69
CA GLY A 404 7.72 -30.70 -7.69
C GLY A 404 8.69 -31.16 -8.75
N GLU A 405 10.00 -30.99 -8.49
CA GLU A 405 11.05 -31.45 -9.41
C GLU A 405 11.58 -32.85 -9.05
N SER A 406 12.44 -33.41 -9.88
CA SER A 406 13.09 -34.70 -9.52
C SER A 406 13.99 -34.55 -8.26
N PRO A 407 14.12 -35.61 -7.46
CA PRO A 407 14.89 -35.48 -6.20
C PRO A 407 16.38 -35.15 -6.36
N TRP A 408 16.98 -35.54 -7.48
CA TRP A 408 18.43 -35.40 -7.65
C TRP A 408 18.86 -34.75 -8.97
N GLY A 409 17.96 -34.02 -9.62
CA GLY A 409 18.30 -33.23 -10.79
C GLY A 409 19.16 -32.04 -10.43
N VAL A 410 19.64 -31.35 -11.47
CA VAL A 410 20.68 -30.31 -11.30
C VAL A 410 20.26 -28.96 -11.88
N THR A 411 19.15 -28.95 -12.61
CA THR A 411 18.62 -27.76 -13.27
C THR A 411 18.10 -26.74 -12.25
N PRO A 412 18.26 -25.44 -12.53
CA PRO A 412 17.79 -24.46 -11.53
C PRO A 412 16.25 -24.50 -11.42
N ILE A 413 15.72 -23.77 -10.44
CA ILE A 413 14.28 -23.75 -10.11
C ILE A 413 13.89 -22.31 -9.77
N SER A 414 12.79 -21.81 -10.34
CA SER A 414 12.35 -20.46 -9.97
C SER A 414 11.50 -20.54 -8.71
N PHE A 415 11.98 -19.92 -7.64
CA PHE A 415 11.24 -19.81 -6.39
C PHE A 415 10.49 -18.46 -6.34
N ASN A 420 2.55 -22.03 -10.07
CA ASN A 420 1.74 -22.99 -9.29
C ASN A 420 2.39 -23.50 -7.98
N PRO A 421 2.19 -22.72 -6.89
CA PRO A 421 2.92 -22.92 -5.64
C PRO A 421 2.70 -24.30 -5.05
N PRO A 422 3.73 -24.86 -4.41
CA PRO A 422 3.61 -26.09 -3.62
C PRO A 422 2.56 -25.91 -2.52
N LEU A 423 1.93 -27.03 -2.15
CA LEU A 423 0.82 -27.08 -1.19
C LEU A 423 1.32 -27.62 0.12
N ALA A 424 0.89 -27.00 1.22
CA ALA A 424 1.24 -27.49 2.54
C ALA A 424 0.68 -28.89 2.68
N ARG A 425 1.43 -29.77 3.34
CA ARG A 425 0.99 -31.13 3.60
C ARG A 425 0.38 -31.24 5.00
N GLY A 426 -0.94 -31.26 5.04
CA GLY A 426 -1.65 -31.30 6.29
C GLY A 426 -1.45 -30.01 7.06
N HIS A 427 -1.45 -30.15 8.39
CA HIS A 427 -1.53 -29.04 9.33
C HIS A 427 -0.88 -29.52 10.62
N VAL A 428 -0.24 -28.59 11.36
CA VAL A 428 0.45 -28.93 12.61
C VAL A 428 0.06 -27.99 13.75
N ILE A 429 -0.26 -28.54 14.91
CA ILE A 429 -0.41 -27.72 16.10
C ILE A 429 0.81 -27.97 16.97
N ALA A 430 1.46 -26.92 17.43
CA ALA A 430 2.47 -27.12 18.47
C ALA A 430 1.99 -26.39 19.72
N ALA A 431 2.14 -27.03 20.87
CA ALA A 431 1.66 -26.40 22.09
C ALA A 431 2.75 -26.39 23.14
N ARG A 432 2.84 -25.30 23.86
CA ARG A 432 3.87 -25.20 24.90
C ARG A 432 3.32 -25.80 26.18
N ILE A 433 4.10 -26.66 26.84
CA ILE A 433 3.62 -27.36 28.04
C ILE A 433 4.51 -27.07 29.23
N THR A 434 3.94 -27.05 30.44
CA THR A 434 4.62 -26.44 31.59
C THR A 434 4.29 -27.07 32.98
N SER A 435 4.78 -26.44 34.06
CA SER A 435 4.84 -27.00 35.45
C SER A 435 5.25 -28.46 35.52
N THR A 448 19.24 -31.51 29.71
CA THR A 448 18.44 -32.57 30.39
C THR A 448 16.90 -32.58 30.15
N VAL A 449 16.42 -33.70 29.65
CA VAL A 449 15.26 -33.75 28.79
C VAL A 449 14.49 -35.08 28.91
N GLN A 450 13.18 -34.99 29.12
CA GLN A 450 12.35 -36.19 29.10
C GLN A 450 11.52 -36.17 27.82
N GLU A 451 11.51 -37.28 27.09
CA GLU A 451 10.70 -37.41 25.89
C GLU A 451 9.30 -37.99 26.13
N LEU A 452 8.34 -37.56 25.32
CA LEU A 452 7.00 -38.09 25.45
C LEU A 452 6.57 -38.73 24.12
N ASN A 453 6.72 -40.05 23.93
CA ASN A 453 6.10 -40.71 22.75
C ASN A 453 4.70 -41.13 23.11
N PHE A 454 3.71 -40.49 22.53
CA PHE A 454 2.34 -40.76 22.94
C PHE A 454 1.79 -42.07 22.38
N ARG A 455 1.03 -42.78 23.22
CA ARG A 455 0.36 -44.00 22.79
C ARG A 455 -0.84 -43.67 21.93
N SER A 456 -1.49 -42.54 22.22
CA SER A 456 -2.68 -42.08 21.50
C SER A 456 -2.48 -42.10 19.98
N SER A 457 -1.32 -41.64 19.52
CA SER A 457 -1.09 -41.46 18.09
C SER A 457 0.39 -41.38 17.75
N LYS A 458 0.73 -41.95 16.59
CA LYS A 458 2.02 -41.75 15.96
C LYS A 458 2.16 -40.29 15.49
N ASN A 459 1.05 -39.55 15.48
CA ASN A 459 1.06 -38.18 14.97
C ASN A 459 1.34 -37.07 16.00
N VAL A 460 1.65 -37.48 17.21
CA VAL A 460 1.94 -36.51 18.23
C VAL A 460 3.15 -36.95 19.02
N TRP A 461 3.99 -35.97 19.35
CA TRP A 461 5.19 -36.21 20.10
C TRP A 461 5.51 -34.94 20.83
N GLY A 462 6.12 -35.07 22.00
CA GLY A 462 6.56 -33.94 22.78
C GLY A 462 7.79 -34.25 23.60
N TYR A 463 8.17 -33.29 24.43
CA TYR A 463 9.35 -33.38 25.28
C TYR A 463 9.18 -32.31 26.35
N PHE A 464 9.87 -32.47 27.47
CA PHE A 464 9.98 -31.39 28.43
C PHE A 464 11.33 -31.47 29.08
N SER A 465 11.80 -30.33 29.58
CA SER A 465 13.14 -30.23 30.16
C SER A 465 13.06 -29.69 31.55
N VAL A 466 13.79 -30.27 32.50
CA VAL A 466 13.91 -29.64 33.87
C VAL A 466 14.39 -28.13 33.91
N ALA A 467 15.67 -27.86 33.62
CA ALA A 467 16.26 -26.51 33.79
C ALA A 467 15.68 -25.44 32.85
N GLN A 479 10.97 -27.15 34.01
CA GLN A 479 10.02 -28.16 33.57
C GLN A 479 9.02 -27.55 32.55
N PHE A 480 9.53 -27.24 31.37
CA PHE A 480 8.70 -26.75 30.27
C PHE A 480 9.14 -27.40 28.95
N GLY A 481 8.24 -27.42 27.98
CA GLY A 481 8.54 -28.01 26.67
C GLY A 481 7.45 -27.81 25.64
N HIS A 482 7.48 -28.61 24.58
CA HIS A 482 6.47 -28.53 23.54
C HIS A 482 5.89 -29.90 23.19
N CYS A 483 4.67 -29.92 22.65
CA CYS A 483 4.08 -31.07 21.97
C CYS A 483 3.79 -30.66 20.56
N PHE A 484 4.07 -31.55 19.60
CA PHE A 484 3.82 -31.30 18.18
C PHE A 484 2.84 -32.33 17.64
N SER A 485 1.82 -31.84 16.93
CA SER A 485 0.77 -32.74 16.42
C SER A 485 0.47 -32.52 14.92
N TRP A 486 0.35 -33.63 14.20
CA TRP A 486 0.07 -33.52 12.79
C TRP A 486 -1.30 -34.11 12.52
N GLY A 487 -2.09 -33.41 11.72
CA GLY A 487 -3.28 -33.96 11.14
C GLY A 487 -3.31 -33.66 9.67
N GLU A 488 -4.25 -34.28 8.96
CA GLU A 488 -4.51 -34.07 7.54
C GLU A 488 -5.08 -32.69 7.31
N ASN A 489 -5.76 -32.16 8.33
CA ASN A 489 -6.23 -30.79 8.33
C ASN A 489 -6.21 -30.26 9.74
N ARG A 490 -6.47 -28.96 9.87
CA ARG A 490 -6.44 -28.27 11.15
C ARG A 490 -7.23 -29.01 12.23
N GLU A 491 -8.40 -29.48 11.84
CA GLU A 491 -9.34 -30.12 12.75
C GLU A 491 -8.76 -31.42 13.31
N GLU A 492 -8.22 -32.29 12.43
CA GLU A 492 -7.58 -33.54 12.84
C GLU A 492 -6.36 -33.27 13.70
N ALA A 493 -5.61 -32.23 13.35
CA ALA A 493 -4.42 -31.91 14.13
C ALA A 493 -4.81 -31.43 15.54
N ILE A 494 -5.91 -30.71 15.65
CA ILE A 494 -6.34 -30.22 16.96
C ILE A 494 -6.76 -31.42 17.78
N SER A 495 -7.64 -32.25 17.21
CA SER A 495 -8.16 -33.37 17.97
C SER A 495 -7.08 -34.43 18.33
N ASN A 496 -6.08 -34.64 17.46
CA ASN A 496 -4.93 -35.50 17.83
C ASN A 496 -4.25 -34.94 19.07
N MET A 497 -3.96 -33.64 19.01
CA MET A 497 -3.39 -32.89 20.12
C MET A 497 -4.17 -33.07 21.42
N VAL A 498 -5.48 -32.85 21.37
CA VAL A 498 -6.32 -32.99 22.55
C VAL A 498 -6.16 -34.38 23.16
N VAL A 499 -6.32 -35.42 22.33
CA VAL A 499 -6.22 -36.81 22.77
C VAL A 499 -4.85 -37.08 23.44
N ALA A 500 -3.79 -36.47 22.89
CA ALA A 500 -2.44 -36.63 23.42
C ALA A 500 -2.28 -35.92 24.77
N LEU A 501 -2.83 -34.71 24.86
CA LEU A 501 -2.77 -33.93 26.10
C LEU A 501 -3.58 -34.60 27.22
N LYS A 502 -4.71 -35.24 26.86
CA LYS A 502 -5.50 -35.99 27.85
C LYS A 502 -4.63 -37.09 28.45
N GLU A 503 -3.76 -37.65 27.61
CA GLU A 503 -2.87 -38.67 28.07
C GLU A 503 -1.74 -38.06 28.92
N LEU A 504 -1.19 -36.91 28.49
CA LEU A 504 -0.18 -36.22 29.27
C LEU A 504 -0.71 -35.96 30.68
N SER A 505 -1.94 -35.51 30.75
CA SER A 505 -2.52 -34.96 31.96
C SER A 505 -2.76 -36.01 33.02
N ILE A 506 -2.38 -37.23 32.70
CA ILE A 506 -2.44 -38.31 33.69
C ILE A 506 -1.30 -38.19 34.69
N ARG A 507 -0.12 -37.73 34.26
CA ARG A 507 0.97 -37.53 35.23
C ARG A 507 0.73 -36.31 36.13
N GLY A 508 0.85 -36.53 37.44
CA GLY A 508 0.66 -35.50 38.46
C GLY A 508 1.35 -34.17 38.23
N ASP A 509 2.54 -34.21 37.66
CA ASP A 509 3.30 -32.99 37.35
C ASP A 509 2.63 -32.10 36.27
N PHE A 510 1.89 -32.70 35.34
CA PHE A 510 1.27 -31.90 34.27
C PHE A 510 -0.23 -31.66 34.37
N ARG A 511 -0.90 -32.37 35.28
CA ARG A 511 -2.34 -32.34 35.31
C ARG A 511 -2.88 -30.91 35.25
N THR A 512 -2.70 -30.15 36.32
CA THR A 512 -3.33 -28.84 36.45
C THR A 512 -3.12 -27.97 35.21
N THR A 513 -1.88 -27.91 34.71
CA THR A 513 -1.53 -27.02 33.63
C THR A 513 -2.00 -27.51 32.25
N VAL A 514 -1.99 -28.82 32.05
CA VAL A 514 -2.41 -29.34 30.76
C VAL A 514 -3.93 -29.32 30.57
N GLU A 515 -4.68 -29.56 31.64
CA GLU A 515 -6.14 -29.48 31.56
C GLU A 515 -6.56 -28.06 31.20
N TYR A 516 -5.81 -27.07 31.70
CA TYR A 516 -6.06 -25.71 31.33
C TYR A 516 -5.91 -25.55 29.82
N LEU A 517 -4.86 -26.17 29.30
CA LEU A 517 -4.55 -26.09 27.88
C LEU A 517 -5.63 -26.82 27.08
N ILE A 518 -6.09 -27.98 27.58
CA ILE A 518 -7.02 -28.77 26.83
C ILE A 518 -8.23 -27.89 26.57
N ASN A 519 -8.71 -27.24 27.64
CA ASN A 519 -9.86 -26.35 27.55
C ASN A 519 -9.68 -25.26 26.51
N LEU A 520 -8.48 -24.69 26.47
CA LEU A 520 -8.13 -23.61 25.56
C LEU A 520 -8.28 -24.10 24.12
N LEU A 521 -7.81 -25.31 23.85
CA LEU A 521 -7.96 -25.88 22.51
C LEU A 521 -9.41 -26.26 22.19
N GLU A 522 -10.29 -26.28 23.18
CA GLU A 522 -11.64 -26.72 22.90
C GLU A 522 -12.68 -25.58 22.82
N THR A 523 -12.22 -24.34 22.96
CA THR A 523 -13.09 -23.18 22.92
C THR A 523 -13.52 -23.00 21.49
N GLU A 524 -14.74 -22.50 21.32
CA GLU A 524 -15.25 -22.21 19.98
C GLU A 524 -14.34 -21.23 19.29
N SER A 525 -13.80 -20.29 20.06
CA SER A 525 -12.96 -19.23 19.52
C SER A 525 -11.70 -19.83 18.92
N PHE A 526 -11.11 -20.81 19.62
CA PHE A 526 -10.03 -21.60 19.02
C PHE A 526 -10.46 -22.56 17.90
N GLN A 527 -11.56 -23.27 18.04
CA GLN A 527 -11.97 -24.17 16.95
C GLN A 527 -12.18 -23.35 15.68
N ASN A 528 -12.73 -22.14 15.86
CA ASN A 528 -13.07 -21.29 14.73
C ASN A 528 -11.94 -20.44 14.24
N ASN A 529 -10.86 -20.44 15.01
CA ASN A 529 -9.69 -19.67 14.68
C ASN A 529 -9.99 -18.16 14.70
N ASP A 530 -10.82 -17.72 15.65
CA ASP A 530 -11.12 -16.32 15.84
C ASP A 530 -9.87 -15.63 16.33
N ILE A 531 -9.68 -14.39 15.88
CA ILE A 531 -8.60 -13.54 16.33
C ILE A 531 -9.11 -12.71 17.49
N ASP A 532 -8.36 -12.66 18.57
CA ASP A 532 -8.76 -11.83 19.69
C ASP A 532 -8.88 -10.36 19.30
N THR A 533 -9.92 -9.71 19.79
CA THR A 533 -10.01 -8.27 19.61
C THR A 533 -9.01 -7.56 20.56
N GLY A 534 -8.90 -6.24 20.42
CA GLY A 534 -8.06 -5.43 21.30
C GLY A 534 -6.60 -5.37 20.89
N TRP A 535 -5.85 -4.54 21.57
CA TRP A 535 -4.45 -4.30 21.20
C TRP A 535 -3.55 -5.51 21.44
N LEU A 536 -2.64 -5.77 20.52
CA LEU A 536 -1.81 -6.94 20.61
C LEU A 536 -0.46 -6.72 21.31
N ASP A 537 -0.27 -7.43 22.41
CA ASP A 537 0.99 -7.52 23.13
C ASP A 537 2.15 -8.01 22.27
N TYR A 538 3.37 -7.63 22.65
CA TYR A 538 4.57 -8.15 21.99
C TYR A 538 4.96 -9.54 22.52
N LEU A 539 5.74 -10.23 21.70
CA LEU A 539 6.34 -11.45 22.16
C LEU A 539 7.81 -11.22 22.51
N ILE A 540 8.40 -12.17 23.23
CA ILE A 540 9.85 -12.25 23.39
C ILE A 540 10.47 -12.85 22.12
N ASP B 21 -9.27 -3.49 13.26
CA ASP B 21 -9.13 -2.39 12.31
C ASP B 21 -8.13 -1.35 12.79
N PHE B 22 -7.97 -0.28 12.02
CA PHE B 22 -7.04 0.78 12.38
C PHE B 22 -7.78 2.06 12.80
N THR B 23 -7.33 2.66 13.90
CA THR B 23 -7.95 3.87 14.40
C THR B 23 -7.04 5.06 14.10
N VAL B 24 -7.58 6.12 13.51
CA VAL B 24 -6.85 7.39 13.43
C VAL B 24 -7.69 8.56 14.05
N ALA B 25 -7.13 9.25 15.03
CA ALA B 25 -7.85 10.35 15.70
C ALA B 25 -7.63 11.69 15.00
N SER B 26 -6.58 11.79 14.21
CA SER B 26 -6.23 13.05 13.60
C SER B 26 -5.57 12.91 12.22
N PRO B 27 -5.59 13.98 11.40
CA PRO B 27 -4.89 14.04 10.13
C PRO B 27 -3.44 13.59 10.20
N ALA B 28 -2.70 13.99 11.24
CA ALA B 28 -1.33 13.51 11.48
C ALA B 28 -1.26 12.00 11.58
N GLU B 29 -2.13 11.39 12.40
CA GLU B 29 -2.24 9.92 12.49
C GLU B 29 -2.60 9.27 11.15
N PHE B 30 -3.45 9.94 10.38
CA PHE B 30 -3.86 9.41 9.07
C PHE B 30 -2.72 9.41 8.02
N VAL B 31 -1.95 10.49 7.97
CA VAL B 31 -0.91 10.59 6.99
C VAL B 31 0.09 9.48 7.27
N THR B 32 0.45 9.33 8.55
CA THR B 32 1.41 8.32 8.96
C THR B 32 0.94 6.93 8.59
N ARG B 33 -0.31 6.65 8.91
CA ARG B 33 -0.93 5.37 8.60
C ARG B 33 -1.04 5.07 7.11
N PHE B 34 -1.32 6.10 6.30
CA PHE B 34 -1.60 5.89 4.88
C PHE B 34 -0.44 6.17 3.92
N GLY B 35 0.76 6.37 4.46
CA GLY B 35 1.92 6.58 3.61
C GLY B 35 1.93 7.96 2.98
N GLY B 36 1.36 8.95 3.66
CA GLY B 36 1.39 10.31 3.17
C GLY B 36 2.71 10.99 3.50
N ASP B 37 2.90 12.18 2.96
CA ASP B 37 4.06 12.99 3.29
C ASP B 37 3.69 14.38 3.80
N ARG B 38 2.41 14.67 3.97
CA ARG B 38 2.01 16.05 4.26
C ARG B 38 0.66 16.12 4.98
N VAL B 39 0.69 16.63 6.19
CA VAL B 39 -0.49 16.72 7.02
C VAL B 39 -1.31 17.95 6.58
N ILE B 40 -2.56 17.73 6.17
CA ILE B 40 -3.46 18.84 5.91
C ILE B 40 -4.57 18.84 6.91
N GLU B 41 -4.57 19.80 7.83
CA GLU B 41 -5.60 19.86 8.86
C GLU B 41 -6.58 20.96 8.54
N LYS B 42 -6.18 21.90 7.70
CA LYS B 42 -6.99 23.09 7.46
C LYS B 42 -6.89 23.53 6.01
N VAL B 43 -8.03 23.75 5.39
CA VAL B 43 -8.13 24.04 3.97
C VAL B 43 -8.80 25.40 3.77
N LEU B 44 -8.22 26.24 2.93
CA LEU B 44 -8.91 27.48 2.50
C LEU B 44 -9.65 27.28 1.18
N ILE B 45 -10.92 27.67 1.18
CA ILE B 45 -11.74 27.53 0.01
C ILE B 45 -11.83 28.84 -0.77
N ALA B 46 -11.15 28.90 -1.91
CA ALA B 46 -11.19 30.09 -2.72
C ALA B 46 -12.33 29.90 -3.69
N ASN B 47 -13.54 29.87 -3.13
CA ASN B 47 -14.77 29.87 -3.90
C ASN B 47 -15.91 30.33 -3.04
N ASN B 48 -17.14 30.14 -3.53
CA ASN B 48 -18.35 30.42 -2.75
C ASN B 48 -19.48 29.56 -3.29
N GLY B 49 -20.72 29.90 -2.99
CA GLY B 49 -21.84 29.27 -3.66
C GLY B 49 -21.78 27.77 -3.50
N ILE B 50 -22.46 27.05 -4.39
CA ILE B 50 -22.56 25.60 -4.26
C ILE B 50 -21.19 24.90 -4.19
N ALA B 51 -20.18 25.52 -4.82
CA ALA B 51 -18.84 24.96 -4.85
C ALA B 51 -18.26 24.79 -3.43
N ALA B 52 -18.33 25.85 -2.64
CA ALA B 52 -17.87 25.84 -1.25
C ALA B 52 -18.64 24.80 -0.43
N VAL B 53 -19.96 24.81 -0.59
CA VAL B 53 -20.81 23.83 0.05
C VAL B 53 -20.42 22.38 -0.28
N LYS B 54 -20.22 22.09 -1.57
CA LYS B 54 -19.89 20.74 -1.98
C LYS B 54 -18.57 20.27 -1.40
N CYS B 55 -17.54 21.08 -1.59
CA CYS B 55 -16.23 20.81 -0.99
C CYS B 55 -16.35 20.44 0.47
N MET B 56 -17.10 21.24 1.22
CA MET B 56 -17.16 21.02 2.65
C MET B 56 -17.86 19.73 2.98
N ARG B 57 -18.97 19.46 2.29
CA ARG B 57 -19.80 18.30 2.59
C ARG B 57 -19.13 16.99 2.21
N SER B 58 -18.52 16.96 1.04
CA SER B 58 -17.80 15.78 0.63
C SER B 58 -16.69 15.44 1.64
N ILE B 59 -15.89 16.43 2.03
CA ILE B 59 -14.75 16.15 2.90
C ILE B 59 -15.19 15.88 4.34
N ARG B 60 -16.24 16.57 4.78
CA ARG B 60 -16.81 16.27 6.08
C ARG B 60 -17.42 14.87 6.13
N ARG B 61 -18.04 14.40 5.04
CA ARG B 61 -18.45 12.99 5.00
C ARG B 61 -17.27 12.04 5.18
N TRP B 62 -16.22 12.24 4.39
CA TRP B 62 -14.99 11.45 4.52
C TRP B 62 -14.35 11.51 5.94
N ALA B 63 -14.24 12.71 6.50
CA ALA B 63 -13.72 12.89 7.87
C ALA B 63 -14.47 12.09 8.95
N TYR B 64 -15.80 12.10 8.88
CA TYR B 64 -16.59 11.35 9.85
C TYR B 64 -16.21 9.89 9.78
N GLU B 65 -16.21 9.35 8.56
CA GLU B 65 -15.92 7.95 8.29
C GLU B 65 -14.56 7.53 8.81
N MET B 66 -13.58 8.42 8.57
CA MET B 66 -12.18 8.17 8.82
C MET B 66 -11.80 8.44 10.28
N PHE B 67 -12.22 9.59 10.81
CA PHE B 67 -11.84 10.01 12.16
C PHE B 67 -12.98 9.93 13.19
N ARG B 68 -14.19 9.58 12.76
CA ARG B 68 -15.41 9.59 13.62
C ARG B 68 -15.66 11.00 14.15
N ASN B 69 -15.26 11.98 13.35
CA ASN B 69 -15.37 13.39 13.70
C ASN B 69 -15.36 14.20 12.42
N GLU B 70 -16.41 14.99 12.21
CA GLU B 70 -16.58 15.65 10.92
C GLU B 70 -15.82 16.95 10.78
N ARG B 71 -15.29 17.49 11.87
CA ARG B 71 -14.56 18.75 11.77
C ARG B 71 -13.05 18.51 11.80
N ALA B 72 -12.62 17.25 11.66
CA ALA B 72 -11.19 16.90 11.59
C ALA B 72 -10.36 17.78 10.64
N ILE B 73 -10.90 18.07 9.47
CA ILE B 73 -10.29 19.01 8.55
C ILE B 73 -11.11 20.26 8.72
N ARG B 74 -10.46 21.34 9.13
CA ARG B 74 -11.15 22.62 9.31
C ARG B 74 -11.19 23.40 7.99
N PHE B 75 -12.19 24.27 7.83
CA PHE B 75 -12.36 25.07 6.60
C PHE B 75 -12.43 26.57 6.88
N VAL B 76 -11.69 27.29 6.06
CA VAL B 76 -11.70 28.74 6.00
C VAL B 76 -12.28 29.10 4.63
N VAL B 77 -13.21 30.06 4.61
CA VAL B 77 -13.78 30.58 3.37
C VAL B 77 -13.53 32.09 3.25
N MET B 78 -13.44 32.56 2.01
CA MET B 78 -13.38 33.98 1.68
C MET B 78 -14.79 34.53 1.44
N VAL B 79 -15.12 35.68 2.04
CA VAL B 79 -16.48 36.23 1.92
C VAL B 79 -16.55 37.69 1.43
N THR B 80 -17.06 37.88 0.22
CA THR B 80 -17.39 39.22 -0.30
C THR B 80 -18.49 39.90 0.51
N PRO B 81 -18.58 41.25 0.48
CA PRO B 81 -19.71 41.97 1.12
C PRO B 81 -21.07 41.51 0.61
N GLU B 82 -21.20 41.32 -0.71
CA GLU B 82 -22.40 40.77 -1.34
C GLU B 82 -22.84 39.42 -0.76
N ASP B 83 -21.91 38.48 -0.62
CA ASP B 83 -22.24 37.18 -0.01
C ASP B 83 -22.61 37.25 1.47
N LEU B 84 -21.97 38.15 2.23
CA LEU B 84 -22.30 38.32 3.64
C LEU B 84 -23.68 38.96 3.82
N LYS B 85 -24.05 39.81 2.90
CA LYS B 85 -25.34 40.41 2.96
C LYS B 85 -26.39 39.34 2.82
N ALA B 86 -26.19 38.43 1.90
CA ALA B 86 -27.19 37.44 1.66
C ALA B 86 -27.04 36.38 2.65
N ASN B 87 -25.99 36.44 3.42
CA ASN B 87 -25.73 35.37 4.30
C ASN B 87 -25.53 34.03 3.65
N ALA B 88 -24.73 33.94 2.60
CA ALA B 88 -24.69 32.67 1.90
C ALA B 88 -24.38 31.47 2.78
N GLU B 89 -25.12 30.41 2.54
CA GLU B 89 -25.11 29.19 3.36
C GLU B 89 -23.70 28.66 3.63
N TYR B 90 -22.77 28.91 2.70
CA TYR B 90 -21.40 28.42 2.85
C TYR B 90 -20.63 29.10 3.99
N ILE B 91 -21.01 30.35 4.30
CA ILE B 91 -20.37 31.14 5.36
C ILE B 91 -20.58 30.48 6.71
N LYS B 92 -21.84 30.18 7.02
CA LYS B 92 -22.22 29.57 8.30
C LYS B 92 -21.63 28.15 8.43
N MET B 93 -21.46 27.50 7.29
CA MET B 93 -20.97 26.13 7.20
C MET B 93 -19.44 26.02 7.50
N ALA B 94 -18.67 27.03 7.15
CA ALA B 94 -17.24 27.08 7.45
C ALA B 94 -16.95 27.18 8.94
N ASP B 95 -15.68 27.02 9.28
CA ASP B 95 -15.25 27.11 10.66
C ASP B 95 -14.76 28.53 10.96
N HIS B 96 -14.15 29.17 9.96
CA HIS B 96 -13.46 30.46 10.06
C HIS B 96 -13.83 31.19 8.75
N TYR B 97 -14.06 32.50 8.80
CA TYR B 97 -14.21 33.20 7.55
C TYR B 97 -13.38 34.47 7.46
N VAL B 98 -13.08 34.89 6.25
CA VAL B 98 -12.28 36.05 6.04
C VAL B 98 -13.02 36.91 5.03
N PRO B 99 -13.48 38.11 5.44
CA PRO B 99 -14.09 38.97 4.44
C PRO B 99 -13.04 39.54 3.50
N VAL B 100 -13.42 39.65 2.22
CA VAL B 100 -12.54 40.12 1.18
C VAL B 100 -13.31 41.14 0.34
N PRO B 101 -12.60 41.99 -0.44
CA PRO B 101 -13.31 43.06 -1.19
C PRO B 101 -14.39 42.56 -2.16
N GLY B 102 -15.38 43.42 -2.44
CA GLY B 102 -16.41 43.11 -3.43
C GLY B 102 -16.01 43.37 -4.88
N GLY B 103 -16.97 43.31 -5.79
CA GLY B 103 -16.74 43.64 -7.18
C GLY B 103 -16.38 42.39 -7.95
N PRO B 104 -15.91 42.56 -9.21
CA PRO B 104 -15.56 41.38 -9.99
C PRO B 104 -14.53 40.49 -9.27
N ASN B 105 -14.32 39.28 -9.76
CA ASN B 105 -13.53 38.33 -9.01
C ASN B 105 -12.01 38.54 -9.06
N ASN B 106 -11.56 39.56 -9.79
CA ASN B 106 -10.14 39.93 -9.76
C ASN B 106 -9.77 40.56 -8.41
N ASN B 107 -10.74 41.21 -7.77
CA ASN B 107 -10.70 41.43 -6.33
C ASN B 107 -11.13 40.05 -5.81
N ASN B 108 -11.15 39.77 -4.51
CA ASN B 108 -11.70 38.44 -4.07
C ASN B 108 -11.24 37.08 -4.73
N TYR B 109 -12.20 36.26 -5.19
CA TYR B 109 -11.96 34.81 -5.47
C TYR B 109 -10.98 34.45 -6.56
N ALA B 110 -10.70 35.35 -7.47
CA ALA B 110 -9.75 35.00 -8.53
C ALA B 110 -8.47 35.82 -8.40
N ASN B 111 -8.31 36.48 -7.27
CA ASN B 111 -7.06 37.18 -6.98
C ASN B 111 -6.09 36.21 -6.27
N VAL B 112 -5.13 35.69 -7.05
CA VAL B 112 -4.15 34.71 -6.58
C VAL B 112 -3.34 35.20 -5.36
N GLU B 113 -2.81 36.43 -5.44
CA GLU B 113 -1.97 36.98 -4.40
C GLU B 113 -2.76 37.05 -3.08
N LEU B 114 -3.99 37.55 -3.16
CA LEU B 114 -4.88 37.57 -2.02
C LEU B 114 -5.10 36.19 -1.44
N ILE B 115 -5.34 35.19 -2.31
CA ILE B 115 -5.55 33.83 -1.84
C ILE B 115 -4.34 33.36 -0.98
N VAL B 116 -3.14 33.50 -1.55
CA VAL B 116 -1.92 32.98 -0.94
C VAL B 116 -1.60 33.76 0.33
N ASP B 117 -1.75 35.08 0.24
CA ASP B 117 -1.59 35.96 1.39
C ASP B 117 -2.41 35.40 2.56
N ILE B 118 -3.70 35.14 2.30
CA ILE B 118 -4.60 34.55 3.30
C ILE B 118 -4.13 33.17 3.80
N ALA B 119 -3.85 32.26 2.87
CA ALA B 119 -3.38 30.93 3.20
C ALA B 119 -2.17 31.00 4.12
N LYS B 120 -1.20 31.88 3.82
CA LYS B 120 0.02 31.96 4.61
C LYS B 120 -0.24 32.56 5.98
N ARG B 121 -1.29 33.36 6.10
CA ARG B 121 -1.51 34.16 7.31
C ARG B 121 -2.37 33.42 8.35
N ILE B 122 -3.21 32.47 7.91
CA ILE B 122 -4.07 31.80 8.89
C ILE B 122 -3.37 30.91 9.94
N PRO B 123 -2.46 30.01 9.53
CA PRO B 123 -2.17 29.61 8.14
C PRO B 123 -3.01 28.38 7.85
N VAL B 124 -3.08 27.99 6.60
CA VAL B 124 -3.77 26.75 6.24
C VAL B 124 -2.72 25.88 5.57
N GLN B 125 -2.96 24.58 5.44
CA GLN B 125 -1.97 23.78 4.71
C GLN B 125 -2.33 23.37 3.26
N ALA B 126 -3.48 23.82 2.76
CA ALA B 126 -3.89 23.52 1.37
C ALA B 126 -5.02 24.45 0.92
N VAL B 127 -5.06 24.76 -0.38
CA VAL B 127 -6.15 25.54 -0.93
C VAL B 127 -6.97 24.66 -1.87
N TRP B 128 -8.29 24.88 -1.90
CA TRP B 128 -9.18 24.21 -2.85
C TRP B 128 -9.92 25.29 -3.57
N ALA B 129 -9.78 25.28 -4.89
CA ALA B 129 -10.39 26.35 -5.63
C ALA B 129 -11.55 25.86 -6.45
N GLY B 130 -11.75 24.54 -6.53
CA GLY B 130 -12.95 24.02 -7.21
C GLY B 130 -13.08 24.32 -8.69
N TRP B 131 -14.12 25.02 -9.11
CA TRP B 131 -14.26 25.39 -10.49
C TRP B 131 -14.60 26.81 -10.55
N GLY B 132 -14.27 27.44 -11.66
CA GLY B 132 -14.42 28.85 -11.81
C GLY B 132 -13.28 29.63 -11.21
N HIS B 133 -13.38 30.93 -11.29
CA HIS B 133 -12.47 31.79 -10.63
C HIS B 133 -11.05 31.52 -11.02
N ALA B 134 -10.22 31.25 -10.04
CA ALA B 134 -8.79 31.07 -10.18
C ALA B 134 -8.29 29.64 -10.44
N SER B 135 -9.21 28.71 -10.51
CA SER B 135 -9.03 27.28 -10.49
C SER B 135 -8.20 26.75 -11.64
N GLU B 136 -8.22 27.46 -12.74
CA GLU B 136 -7.38 27.14 -13.91
C GLU B 136 -6.19 28.08 -14.07
N ASN B 137 -5.89 28.86 -13.04
CA ASN B 137 -4.75 29.78 -13.14
C ASN B 137 -3.48 29.10 -12.61
N PRO B 138 -2.55 28.74 -13.50
CA PRO B 138 -1.30 28.04 -13.10
C PRO B 138 -0.53 28.80 -12.02
N LYS B 139 -0.75 30.11 -11.96
CA LYS B 139 -0.14 30.98 -10.97
C LYS B 139 -0.53 30.56 -9.56
N LEU B 140 -1.75 30.04 -9.40
CA LEU B 140 -2.23 29.62 -8.09
C LEU B 140 -1.42 28.48 -7.45
N PRO B 141 -1.37 27.31 -8.11
CA PRO B 141 -0.53 26.29 -7.49
C PRO B 141 0.94 26.72 -7.39
N GLU B 142 1.46 27.40 -8.40
CA GLU B 142 2.86 27.85 -8.40
C GLU B 142 3.19 28.67 -7.15
N LEU B 143 2.41 29.72 -6.89
CA LEU B 143 2.68 30.59 -5.74
C LEU B 143 2.42 29.92 -4.40
N LEU B 144 1.45 29.00 -4.35
CA LEU B 144 1.19 28.22 -3.13
C LEU B 144 2.36 27.29 -2.82
N CYS B 145 2.89 26.67 -3.87
CA CYS B 145 3.96 25.71 -3.70
C CYS B 145 5.22 26.42 -3.16
N LYS B 146 5.59 27.55 -3.77
CA LYS B 146 6.68 28.36 -3.26
C LYS B 146 6.47 28.74 -1.79
N ASN B 147 5.23 28.89 -1.37
CA ASN B 147 4.98 29.18 0.02
C ASN B 147 4.75 27.93 0.86
N GLY B 148 4.96 26.77 0.26
CA GLY B 148 4.82 25.50 0.95
C GLY B 148 3.39 25.16 1.33
N VAL B 149 2.42 25.74 0.62
CA VAL B 149 1.04 25.41 0.83
C VAL B 149 0.59 24.53 -0.33
N ALA B 150 -0.15 23.47 -0.04
CA ALA B 150 -0.57 22.51 -1.06
C ALA B 150 -1.76 23.04 -1.82
N PHE B 151 -1.99 22.44 -2.99
CA PHE B 151 -3.14 22.75 -3.82
C PHE B 151 -3.95 21.49 -4.14
N LEU B 152 -5.27 21.56 -3.99
CA LEU B 152 -6.10 20.39 -4.28
C LEU B 152 -6.41 20.42 -5.76
N GLY B 153 -5.40 20.04 -6.54
CA GLY B 153 -5.42 20.27 -7.95
C GLY B 153 -4.07 19.96 -8.50
N PRO B 154 -3.91 20.14 -9.82
CA PRO B 154 -2.63 19.77 -10.45
C PRO B 154 -1.52 20.80 -10.20
N PRO B 155 -0.27 20.35 -10.22
CA PRO B 155 0.81 21.33 -10.01
C PRO B 155 0.91 22.32 -11.16
N SER B 156 1.56 23.46 -10.89
CA SER B 156 1.65 24.51 -11.91
C SER B 156 2.37 24.01 -13.16
N GLU B 157 3.38 23.15 -12.98
CA GLU B 157 4.08 22.54 -14.11
C GLU B 157 3.07 21.96 -15.14
N ALA B 158 2.33 20.91 -14.72
CA ALA B 158 1.25 20.30 -15.51
C ALA B 158 0.27 21.31 -16.06
N MET B 159 -0.08 22.30 -15.26
CA MET B 159 -1.19 23.17 -15.62
C MET B 159 -0.81 24.10 -16.77
N TRP B 160 0.47 24.48 -16.86
CA TRP B 160 0.94 25.36 -17.93
C TRP B 160 0.60 24.75 -19.31
N ALA B 161 1.22 23.61 -19.63
CA ALA B 161 1.07 22.93 -20.92
C ALA B 161 -0.36 22.93 -21.49
N LEU B 162 -1.35 22.87 -20.62
CA LEU B 162 -2.73 22.65 -21.02
C LEU B 162 -3.54 23.95 -21.01
N GLY B 163 -3.00 24.93 -20.29
CA GLY B 163 -3.53 26.29 -20.24
C GLY B 163 -3.59 26.93 -21.61
N ASP B 164 -2.59 26.70 -22.48
CA ASP B 164 -2.85 27.11 -23.85
C ASP B 164 -3.19 25.93 -24.74
N LYS B 165 -4.22 26.15 -25.55
CA LYS B 165 -4.87 25.10 -26.29
C LYS B 165 -4.03 24.62 -27.45
N ILE B 166 -3.10 25.46 -27.91
CA ILE B 166 -2.22 25.11 -28.98
C ILE B 166 -1.24 24.07 -28.46
N ALA B 167 -0.51 24.43 -27.41
CA ALA B 167 0.51 23.55 -26.86
C ALA B 167 -0.15 22.20 -26.51
N SER B 168 -1.30 22.28 -25.90
CA SER B 168 -1.94 21.08 -25.46
C SER B 168 -2.45 20.21 -26.64
N THR B 169 -2.98 20.84 -27.68
CA THR B 169 -3.36 20.06 -28.86
C THR B 169 -2.14 19.36 -29.51
N VAL B 170 -1.04 20.09 -29.64
CA VAL B 170 0.13 19.47 -30.21
C VAL B 170 0.75 18.40 -29.29
N VAL B 171 0.73 18.61 -27.99
CA VAL B 171 1.14 17.52 -27.08
C VAL B 171 0.28 16.27 -27.30
N ALA B 172 -1.04 16.46 -27.38
CA ALA B 172 -1.93 15.31 -27.60
C ALA B 172 -1.61 14.59 -28.94
N GLN B 173 -1.40 15.37 -30.00
CA GLN B 173 -1.00 14.85 -31.33
C GLN B 173 0.29 14.08 -31.25
N THR B 174 1.21 14.58 -30.44
CA THR B 174 2.52 13.99 -30.36
C THR B 174 2.40 12.60 -29.73
N LEU B 175 1.55 12.48 -28.71
CA LEU B 175 1.23 11.21 -28.07
C LEU B 175 0.27 10.36 -28.92
N GLN B 176 -0.04 10.85 -30.12
CA GLN B 176 -0.78 10.03 -31.08
C GLN B 176 -2.29 9.90 -30.78
N VAL B 177 -2.82 10.85 -30.01
CA VAL B 177 -4.24 10.97 -29.75
C VAL B 177 -4.86 11.77 -30.93
N PRO B 178 -5.90 11.26 -31.60
CA PRO B 178 -6.37 11.96 -32.82
C PRO B 178 -6.91 13.35 -32.56
N THR B 179 -6.67 14.27 -33.48
CA THR B 179 -7.27 15.60 -33.40
C THR B 179 -8.05 15.91 -34.65
N LEU B 180 -9.02 16.80 -34.57
CA LEU B 180 -9.75 17.25 -35.77
C LEU B 180 -8.81 18.06 -36.68
N PRO B 181 -9.14 18.19 -37.97
CA PRO B 181 -8.39 19.09 -38.82
C PRO B 181 -8.26 20.46 -38.14
N TRP B 182 -7.06 21.01 -38.10
CA TRP B 182 -6.89 22.32 -37.49
C TRP B 182 -5.63 23.01 -37.98
N SER B 183 -5.50 24.30 -37.69
CA SER B 183 -4.40 25.05 -38.24
C SER B 183 -3.02 24.49 -37.83
N GLY B 184 -3.03 23.61 -36.83
CA GLY B 184 -1.80 23.00 -36.35
C GLY B 184 -1.74 21.49 -36.54
N SER B 185 -2.65 20.95 -37.34
CA SER B 185 -2.57 19.55 -37.73
C SER B 185 -1.18 19.19 -38.21
N GLY B 186 -0.73 18.00 -37.82
CA GLY B 186 0.56 17.49 -38.25
C GLY B 186 1.76 17.94 -37.45
N LEU B 187 1.59 18.88 -36.53
CA LEU B 187 2.71 19.41 -35.73
C LEU B 187 3.03 18.50 -34.57
N THR B 188 4.29 18.48 -34.18
CA THR B 188 4.78 17.48 -33.28
C THR B 188 5.89 18.13 -32.47
N VAL B 189 5.99 17.82 -31.18
CA VAL B 189 7.18 18.21 -30.42
C VAL B 189 8.08 16.99 -30.22
N GLU B 190 9.34 17.21 -29.83
CA GLU B 190 10.27 16.09 -29.70
C GLU B 190 10.09 15.29 -28.40
N TRP B 191 9.68 14.02 -28.60
CA TRP B 191 9.19 13.14 -27.53
C TRP B 191 9.06 11.69 -28.03
N ILE B 202 9.11 18.79 -21.14
CA ILE B 202 8.05 18.84 -22.17
C ILE B 202 7.62 20.28 -22.52
N SER B 203 8.06 20.74 -23.70
CA SER B 203 7.85 22.13 -24.15
C SER B 203 7.57 22.36 -25.64
N VAL B 204 7.00 23.53 -25.93
CA VAL B 204 6.64 23.91 -27.29
C VAL B 204 7.36 25.17 -27.82
N PRO B 205 8.18 25.00 -28.86
CA PRO B 205 8.99 26.06 -29.43
C PRO B 205 8.19 27.10 -30.21
N GLU B 206 8.77 28.29 -30.36
CA GLU B 206 8.15 29.36 -31.14
C GLU B 206 7.67 28.84 -32.48
N ASP B 207 8.46 27.94 -33.05
CA ASP B 207 8.25 27.48 -34.40
C ASP B 207 6.89 26.85 -34.56
N VAL B 208 6.44 26.15 -33.51
CA VAL B 208 5.17 25.45 -33.52
C VAL B 208 4.01 26.45 -33.49
N TYR B 209 4.10 27.44 -32.61
CA TYR B 209 3.09 28.49 -32.54
C TYR B 209 3.02 29.23 -33.83
N ASP B 210 4.17 29.44 -34.44
CA ASP B 210 4.18 30.25 -35.62
C ASP B 210 3.38 29.53 -36.69
N LYS B 211 3.50 28.20 -36.70
CA LYS B 211 2.83 27.38 -37.70
C LYS B 211 1.37 27.07 -37.42
N GLY B 212 0.96 27.01 -36.16
CA GLY B 212 -0.37 26.54 -35.80
C GLY B 212 -1.31 27.64 -35.39
N CYS B 213 -0.85 28.89 -35.45
CA CYS B 213 -1.66 30.07 -35.16
C CYS B 213 -1.76 30.88 -36.38
N VAL B 214 -2.57 31.91 -36.28
CA VAL B 214 -2.97 32.62 -37.44
C VAL B 214 -2.91 34.11 -37.10
N LYS B 215 -1.81 34.75 -37.52
CA LYS B 215 -1.43 36.08 -37.05
C LYS B 215 -2.51 37.13 -37.26
N ASP B 216 -3.20 37.02 -38.40
CA ASP B 216 -4.24 37.96 -38.78
C ASP B 216 -5.26 37.32 -39.74
N VAL B 217 -6.20 38.12 -40.23
CA VAL B 217 -7.30 37.68 -41.06
C VAL B 217 -6.86 36.91 -42.30
N ASP B 218 -5.84 37.40 -42.98
CA ASP B 218 -5.36 36.72 -44.18
C ASP B 218 -4.75 35.34 -43.93
N GLU B 219 -3.87 35.22 -42.93
CA GLU B 219 -3.40 33.92 -42.50
C GLU B 219 -4.60 33.05 -42.15
N GLY B 220 -5.54 33.60 -41.39
CA GLY B 220 -6.76 32.91 -40.98
C GLY B 220 -7.57 32.35 -42.15
N LEU B 221 -7.70 33.17 -43.20
CA LEU B 221 -8.42 32.81 -44.42
C LEU B 221 -7.70 31.71 -45.17
N GLU B 222 -6.37 31.76 -45.18
CA GLU B 222 -5.51 30.72 -45.80
C GLU B 222 -5.59 29.36 -45.10
N ALA B 223 -5.43 29.37 -43.77
CA ALA B 223 -5.55 28.18 -42.96
C ALA B 223 -6.94 27.57 -43.07
N ALA B 224 -7.97 28.42 -43.22
CA ALA B 224 -9.31 27.92 -43.43
C ALA B 224 -9.43 27.07 -44.70
N GLU B 225 -8.70 27.42 -45.75
CA GLU B 225 -8.69 26.57 -46.95
C GLU B 225 -8.10 25.19 -46.73
N ARG B 226 -7.23 25.03 -45.73
CA ARG B 226 -6.61 23.72 -45.50
C ARG B 226 -7.54 22.84 -44.66
N ILE B 227 -8.39 23.50 -43.87
CA ILE B 227 -9.22 22.87 -42.84
C ILE B 227 -10.64 22.57 -43.35
N GLY B 228 -11.32 23.58 -43.90
CA GLY B 228 -12.70 23.41 -44.37
C GLY B 228 -13.73 24.02 -43.41
N PHE B 229 -14.86 24.42 -43.98
CA PHE B 229 -15.95 25.03 -43.20
C PHE B 229 -17.08 24.03 -42.93
N PRO B 230 -17.72 24.12 -41.75
CA PRO B 230 -17.44 25.17 -40.77
C PRO B 230 -16.29 24.87 -39.80
N LEU B 231 -15.68 25.92 -39.29
CA LEU B 231 -14.62 25.77 -38.31
C LEU B 231 -14.82 26.72 -37.15
N MET B 232 -14.02 26.50 -36.10
CA MET B 232 -14.02 27.35 -34.92
C MET B 232 -12.81 28.23 -34.95
N ILE B 233 -13.03 29.52 -34.76
CA ILE B 233 -11.93 30.46 -34.57
C ILE B 233 -11.77 30.51 -33.04
N LYS B 234 -10.63 30.06 -32.53
CA LYS B 234 -10.43 30.01 -31.09
C LYS B 234 -9.22 30.83 -30.60
N ALA B 235 -9.41 31.57 -29.51
CA ALA B 235 -8.30 32.21 -28.82
C ALA B 235 -7.63 31.18 -27.92
N SER B 236 -6.36 30.91 -28.14
CA SER B 236 -5.72 29.83 -27.39
C SER B 236 -5.46 30.14 -25.94
N GLU B 237 -5.64 31.41 -25.54
CA GLU B 237 -5.52 31.76 -24.13
C GLU B 237 -6.86 32.12 -23.49
N GLY B 238 -7.99 31.63 -24.02
CA GLY B 238 -9.34 31.91 -23.44
C GLY B 238 -9.80 30.96 -22.35
N LYS B 242 -14.84 33.10 -23.04
CA LYS B 242 -14.29 32.21 -24.05
C LYS B 242 -14.00 33.06 -25.23
N GLY B 243 -13.21 32.64 -26.15
CA GLY B 243 -13.04 33.45 -27.32
C GLY B 243 -13.20 32.65 -28.54
N ILE B 244 -14.38 32.14 -28.77
CA ILE B 244 -14.58 31.27 -29.86
C ILE B 244 -15.83 31.57 -30.64
N ARG B 245 -15.80 31.26 -31.91
CA ARG B 245 -16.86 31.57 -32.82
C ARG B 245 -16.89 30.53 -33.86
N LYS B 246 -18.08 30.17 -34.28
CA LYS B 246 -18.32 29.23 -35.37
C LYS B 246 -18.34 30.08 -36.63
N ALA B 247 -17.45 29.77 -37.58
CA ALA B 247 -17.45 30.43 -38.87
C ALA B 247 -17.97 29.46 -39.93
N GLU B 248 -18.92 29.92 -40.74
CA GLU B 248 -19.66 29.06 -41.64
C GLU B 248 -19.16 29.09 -43.08
N SER B 249 -18.42 30.12 -43.41
CA SER B 249 -17.90 30.28 -44.74
C SER B 249 -16.77 31.28 -44.63
N ALA B 250 -16.08 31.46 -45.75
CA ALA B 250 -15.06 32.47 -45.87
C ALA B 250 -15.69 33.83 -45.76
N GLU B 251 -16.95 33.94 -46.16
CA GLU B 251 -17.61 35.24 -46.21
C GLU B 251 -17.87 35.76 -44.79
N ASP B 252 -18.27 34.89 -43.86
CA ASP B 252 -18.49 35.34 -42.46
C ASP B 252 -17.21 35.44 -41.61
N PHE B 253 -16.10 34.93 -42.12
CA PHE B 253 -14.88 34.69 -41.33
C PHE B 253 -14.20 35.98 -40.76
N PRO B 254 -14.03 37.03 -41.61
CA PRO B 254 -13.38 38.25 -41.13
C PRO B 254 -14.07 38.90 -39.95
N ILE B 255 -15.40 38.95 -39.99
CA ILE B 255 -16.16 39.45 -38.87
C ILE B 255 -15.84 38.63 -37.61
N LEU B 256 -15.84 37.32 -37.72
CA LEU B 256 -15.80 36.54 -36.50
C LEU B 256 -14.39 36.50 -35.92
N PHE B 257 -13.40 36.65 -36.80
CA PHE B 257 -12.01 36.79 -36.43
C PHE B 257 -11.79 38.06 -35.61
N ARG B 258 -12.34 39.17 -36.05
CA ARG B 258 -12.17 40.39 -35.28
C ARG B 258 -12.82 40.30 -33.89
N GLN B 259 -13.93 39.57 -33.86
CA GLN B 259 -14.70 39.43 -32.64
C GLN B 259 -13.86 38.67 -31.59
N VAL B 260 -13.28 37.54 -31.99
CA VAL B 260 -12.37 36.78 -31.14
C VAL B 260 -11.14 37.62 -30.82
N GLN B 261 -10.59 38.31 -31.82
CA GLN B 261 -9.41 39.11 -31.55
C GLN B 261 -9.72 40.08 -30.43
N SER B 262 -10.88 40.74 -30.51
CA SER B 262 -11.22 41.79 -29.53
C SER B 262 -11.66 41.25 -28.16
N GLU B 263 -12.18 40.04 -28.15
CA GLU B 263 -12.69 39.45 -26.94
C GLU B 263 -11.52 39.11 -26.01
N ILE B 264 -10.42 38.60 -26.59
CA ILE B 264 -9.22 38.23 -25.82
C ILE B 264 -7.95 38.94 -26.31
N PRO B 265 -7.77 40.23 -25.94
CA PRO B 265 -6.53 40.92 -26.37
C PRO B 265 -5.22 40.13 -26.04
N GLY B 266 -4.33 40.01 -27.03
CA GLY B 266 -3.03 39.43 -26.80
C GLY B 266 -2.98 37.95 -27.14
N SER B 267 -4.10 37.25 -27.12
CA SER B 267 -4.05 35.81 -27.33
C SER B 267 -3.72 35.41 -28.77
N PRO B 268 -2.93 34.34 -28.93
CA PRO B 268 -2.85 33.77 -30.27
C PRO B 268 -4.20 33.15 -30.67
N ILE B 269 -4.42 33.01 -31.97
CA ILE B 269 -5.66 32.50 -32.49
C ILE B 269 -5.39 31.28 -33.35
N PHE B 270 -6.15 30.22 -33.17
CA PHE B 270 -6.07 29.08 -34.10
C PHE B 270 -7.47 28.68 -34.56
N LEU B 271 -7.52 27.83 -35.58
CA LEU B 271 -8.79 27.40 -36.14
C LEU B 271 -8.88 25.90 -35.99
N MET B 272 -10.09 25.37 -35.76
CA MET B 272 -10.32 23.93 -35.74
C MET B 272 -11.67 23.53 -36.36
N LYS B 273 -11.70 22.54 -37.24
CA LYS B 273 -12.95 22.17 -37.85
C LYS B 273 -14.00 21.70 -36.82
N LEU B 274 -15.29 21.87 -37.12
CA LEU B 274 -16.29 21.29 -36.24
C LEU B 274 -16.35 19.79 -36.46
N ALA B 275 -16.66 19.06 -35.40
CA ALA B 275 -16.97 17.65 -35.56
C ALA B 275 -18.38 17.58 -36.12
N GLN B 276 -18.71 16.52 -36.83
CA GLN B 276 -20.09 16.35 -37.31
C GLN B 276 -20.69 15.10 -36.73
N HIS B 277 -22.00 15.17 -36.43
CA HIS B 277 -22.75 14.01 -35.96
C HIS B 277 -22.07 13.48 -34.68
N ALA B 278 -21.79 14.40 -33.75
CA ALA B 278 -20.95 14.12 -32.60
C ALA B 278 -21.53 14.68 -31.31
N ARG B 279 -20.91 14.29 -30.20
CA ARG B 279 -21.30 14.74 -28.87
C ARG B 279 -20.02 15.09 -28.17
N HIS B 280 -20.11 15.95 -27.16
CA HIS B 280 -18.95 16.23 -26.31
C HIS B 280 -18.91 15.14 -25.23
N LEU B 281 -17.80 14.41 -25.10
CA LEU B 281 -17.65 13.39 -24.07
C LEU B 281 -16.49 13.75 -23.21
N GLU B 282 -16.52 13.28 -21.98
CA GLU B 282 -15.46 13.56 -21.05
C GLU B 282 -15.01 12.24 -20.45
N VAL B 283 -13.69 12.07 -20.28
CA VAL B 283 -13.13 11.00 -19.46
C VAL B 283 -12.71 11.64 -18.15
N GLN B 284 -13.06 11.05 -17.02
CA GLN B 284 -12.63 11.58 -15.73
C GLN B 284 -11.32 10.94 -15.32
N ILE B 285 -10.28 11.72 -15.06
CA ILE B 285 -9.05 11.09 -14.61
C ILE B 285 -8.74 11.50 -13.17
N LEU B 286 -7.96 10.67 -12.50
CA LEU B 286 -7.57 10.95 -11.14
C LEU B 286 -6.13 10.46 -10.97
N ALA B 287 -5.23 11.36 -10.57
CA ALA B 287 -3.81 11.07 -10.53
C ALA B 287 -3.24 11.27 -9.12
N ASP B 288 -2.35 10.38 -8.65
CA ASP B 288 -1.63 10.65 -7.37
C ASP B 288 -0.33 11.41 -7.62
N GLN B 289 0.51 11.61 -6.61
CA GLN B 289 1.82 12.26 -6.85
C GLN B 289 2.92 11.28 -7.24
N TYR B 290 2.58 10.05 -7.53
CA TYR B 290 3.59 9.04 -7.79
C TYR B 290 3.53 8.54 -9.20
N GLY B 291 2.86 9.29 -10.07
CA GLY B 291 2.80 8.94 -11.50
C GLY B 291 1.79 7.88 -11.91
N ASN B 292 1.03 7.33 -10.95
CA ASN B 292 -0.15 6.51 -11.19
C ASN B 292 -1.36 7.39 -11.57
N ALA B 293 -2.09 6.99 -12.61
CA ALA B 293 -3.31 7.68 -13.02
C ALA B 293 -4.35 6.69 -13.50
N VAL B 294 -5.60 7.03 -13.25
CA VAL B 294 -6.73 6.18 -13.44
C VAL B 294 -7.91 6.88 -14.07
N SER B 295 -8.71 6.19 -14.86
CA SER B 295 -9.96 6.76 -15.29
C SER B 295 -11.08 6.32 -14.41
N LEU B 296 -12.09 7.14 -14.31
CA LEU B 296 -13.26 6.76 -13.60
C LEU B 296 -14.41 6.99 -14.53
N PHE B 297 -14.44 6.19 -15.57
CA PHE B 297 -15.44 6.22 -16.60
C PHE B 297 -15.47 7.52 -17.30
N GLY B 298 -16.65 8.04 -17.51
CA GLY B 298 -16.76 9.18 -18.36
C GLY B 298 -18.11 9.78 -18.28
N ARG B 299 -18.31 10.83 -19.03
CA ARG B 299 -19.51 11.60 -19.03
C ARG B 299 -19.86 11.94 -20.44
N ASP B 300 -21.11 12.18 -20.69
CA ASP B 300 -21.61 12.50 -22.00
C ASP B 300 -22.49 13.71 -21.89
N CYS B 301 -22.34 14.69 -22.77
CA CYS B 301 -23.29 15.78 -22.82
C CYS B 301 -24.33 15.36 -23.82
N SER B 302 -25.49 15.00 -23.30
CA SER B 302 -26.56 14.30 -24.02
C SER B 302 -27.40 15.29 -24.75
N ILE B 303 -27.67 16.42 -24.11
CA ILE B 303 -28.41 17.50 -24.73
C ILE B 303 -27.65 18.80 -24.49
N GLN B 304 -27.22 19.42 -25.57
CA GLN B 304 -26.64 20.75 -25.47
C GLN B 304 -27.45 21.75 -26.30
N ARG B 305 -27.54 22.95 -25.81
CA ARG B 305 -28.24 23.98 -26.51
C ARG B 305 -27.65 25.27 -26.08
N ARG B 306 -27.55 26.23 -26.98
CA ARG B 306 -27.09 27.55 -26.61
C ARG B 306 -25.78 27.49 -25.91
N HIS B 307 -24.92 26.57 -26.31
CA HIS B 307 -23.60 26.39 -25.78
C HIS B 307 -23.54 25.91 -24.38
N GLN B 308 -24.63 25.37 -23.85
CA GLN B 308 -24.71 25.02 -22.44
C GLN B 308 -24.91 23.56 -22.25
N LYS B 309 -24.36 22.99 -21.21
CA LYS B 309 -24.68 21.59 -20.93
C LYS B 309 -26.04 21.52 -20.23
N ILE B 310 -27.07 21.14 -21.01
CA ILE B 310 -28.42 20.91 -20.50
C ILE B 310 -28.55 19.57 -19.78
N VAL B 311 -28.09 18.50 -20.42
CA VAL B 311 -28.08 17.17 -19.80
C VAL B 311 -26.69 16.55 -19.96
N GLU B 312 -26.10 16.15 -18.84
CA GLU B 312 -24.89 15.33 -18.81
C GLU B 312 -25.26 14.02 -18.17
N GLU B 313 -24.77 12.92 -18.73
CA GLU B 313 -25.04 11.59 -18.17
C GLU B 313 -23.75 10.87 -17.79
N ALA B 314 -23.86 9.78 -17.03
CA ALA B 314 -22.69 8.96 -16.69
C ALA B 314 -23.15 7.53 -16.43
N PRO B 315 -22.45 6.52 -16.98
CA PRO B 315 -21.25 6.65 -17.80
C PRO B 315 -21.66 7.05 -19.22
N ALA B 316 -20.72 7.10 -20.16
CA ALA B 316 -21.03 7.47 -21.53
C ALA B 316 -21.39 6.23 -22.35
N THR B 317 -22.64 5.79 -22.20
CA THR B 317 -23.09 4.58 -22.90
C THR B 317 -23.20 4.78 -24.40
N ILE B 318 -23.22 6.03 -24.87
CA ILE B 318 -23.30 6.28 -26.29
C ILE B 318 -22.12 5.62 -27.01
N ALA B 319 -21.00 5.46 -26.30
CA ALA B 319 -19.81 4.89 -26.90
C ALA B 319 -19.63 3.45 -26.48
N PRO B 320 -19.48 2.52 -27.46
CA PRO B 320 -19.15 1.14 -27.06
C PRO B 320 -17.91 1.13 -26.18
N LEU B 321 -17.82 0.15 -25.29
CA LEU B 321 -16.74 0.02 -24.35
C LEU B 321 -15.34 -0.19 -24.99
N ALA B 322 -15.26 -0.88 -26.12
CA ALA B 322 -13.96 -1.03 -26.77
C ALA B 322 -13.39 0.35 -27.12
N ILE B 323 -14.24 1.22 -27.65
CA ILE B 323 -13.78 2.53 -28.06
C ILE B 323 -13.53 3.42 -26.87
N PHE B 324 -14.46 3.43 -25.91
CA PHE B 324 -14.31 4.32 -24.74
C PHE B 324 -13.07 4.02 -23.88
N GLU B 325 -12.72 2.74 -23.79
CA GLU B 325 -11.60 2.29 -23.01
C GLU B 325 -10.33 2.79 -23.65
N PHE B 326 -10.29 2.73 -24.98
CA PHE B 326 -9.19 3.35 -25.75
C PHE B 326 -9.12 4.89 -25.55
N MET B 327 -10.27 5.54 -25.45
CA MET B 327 -10.33 6.94 -25.01
C MET B 327 -9.77 7.17 -23.60
N GLU B 328 -10.02 6.22 -22.70
CA GLU B 328 -9.41 6.25 -21.36
C GLU B 328 -7.86 6.08 -21.42
N GLN B 329 -7.36 5.13 -22.23
CA GLN B 329 -5.93 4.93 -22.35
C GLN B 329 -5.30 6.24 -22.79
N CYS B 330 -5.90 6.87 -23.79
CA CYS B 330 -5.35 8.11 -24.31
C CYS B 330 -5.32 9.19 -23.26
N ALA B 331 -6.44 9.34 -22.55
CA ALA B 331 -6.54 10.31 -21.46
C ALA B 331 -5.49 10.05 -20.39
N ILE B 332 -5.36 8.80 -19.95
CA ILE B 332 -4.36 8.43 -18.97
C ILE B 332 -2.97 8.82 -19.48
N ARG B 333 -2.71 8.53 -20.76
CA ARG B 333 -1.40 8.67 -21.33
C ARG B 333 -1.03 10.15 -21.31
N LEU B 334 -1.98 11.00 -21.74
CA LEU B 334 -1.78 12.46 -21.73
C LEU B 334 -1.57 13.02 -20.33
N ALA B 335 -2.34 12.53 -19.37
CA ALA B 335 -2.22 13.03 -18.02
C ALA B 335 -0.82 12.65 -17.50
N LYS B 336 -0.42 11.40 -17.72
CA LYS B 336 0.84 10.96 -17.21
C LYS B 336 2.01 11.74 -17.79
N THR B 337 1.92 12.03 -19.10
CA THR B 337 2.91 12.78 -19.87
C THR B 337 3.17 14.18 -19.28
N VAL B 338 2.12 14.90 -18.95
CA VAL B 338 2.30 16.25 -18.43
C VAL B 338 2.47 16.31 -16.91
N GLY B 339 2.64 15.18 -16.27
CA GLY B 339 2.69 15.09 -14.85
C GLY B 339 1.49 15.56 -14.09
N TYR B 340 0.31 15.22 -14.56
CA TYR B 340 -0.90 15.60 -13.90
C TYR B 340 -1.01 15.01 -12.52
N VAL B 341 -1.58 15.78 -11.59
CA VAL B 341 -1.87 15.30 -10.26
C VAL B 341 -3.27 15.76 -9.87
N SER B 342 -4.02 14.90 -9.19
CA SER B 342 -5.37 15.26 -8.76
C SER B 342 -6.37 15.07 -9.89
N ALA B 343 -7.63 15.44 -9.62
CA ALA B 343 -8.71 15.28 -10.58
C ALA B 343 -8.61 16.20 -11.80
N GLY B 344 -8.99 15.66 -12.95
CA GLY B 344 -9.13 16.44 -14.20
C GLY B 344 -10.04 15.73 -15.20
N THR B 345 -10.46 16.42 -16.26
CA THR B 345 -11.19 15.75 -17.31
C THR B 345 -10.62 15.98 -18.71
N VAL B 346 -10.56 14.91 -19.50
CA VAL B 346 -10.16 14.99 -20.90
C VAL B 346 -11.44 14.96 -21.77
N GLU B 347 -11.58 15.99 -22.61
CA GLU B 347 -12.77 16.22 -23.38
C GLU B 347 -12.49 15.77 -24.77
N TYR B 348 -13.46 15.11 -25.37
CA TYR B 348 -13.35 14.60 -26.70
C TYR B 348 -14.64 14.86 -27.49
N LEU B 349 -14.55 14.73 -28.81
CA LEU B 349 -15.69 14.78 -29.67
C LEU B 349 -15.80 13.38 -30.16
N TYR B 350 -16.96 12.81 -29.96
CA TYR B 350 -17.23 11.48 -30.35
C TYR B 350 -18.27 11.51 -31.47
N SER B 351 -17.99 10.79 -32.55
CA SER B 351 -18.94 10.70 -33.68
C SER B 351 -19.61 9.34 -33.71
N GLN B 352 -20.87 9.37 -34.12
CA GLN B 352 -21.67 8.18 -34.41
C GLN B 352 -20.86 7.06 -35.06
N ASP B 353 -19.92 7.39 -35.94
CA ASP B 353 -19.18 6.36 -36.67
C ASP B 353 -18.12 5.59 -35.87
N GLY B 354 -17.89 5.99 -34.61
CA GLY B 354 -16.90 5.35 -33.75
C GLY B 354 -15.67 6.22 -33.43
N SER B 355 -15.45 7.26 -34.23
CA SER B 355 -14.23 8.04 -34.14
C SER B 355 -14.33 9.11 -33.06
N PHE B 356 -13.20 9.41 -32.46
CA PHE B 356 -13.11 10.41 -31.43
C PHE B 356 -11.91 11.34 -31.67
N HIS B 357 -12.03 12.57 -31.16
CA HIS B 357 -10.93 13.54 -31.27
C HIS B 357 -10.72 14.31 -29.99
N PHE B 358 -9.46 14.60 -29.67
CA PHE B 358 -9.14 15.34 -28.44
C PHE B 358 -9.51 16.81 -28.63
N LEU B 359 -10.27 17.37 -27.68
CA LEU B 359 -10.55 18.81 -27.64
C LEU B 359 -9.62 19.49 -26.65
N GLU B 360 -9.60 18.99 -25.39
CA GLU B 360 -8.87 19.63 -24.30
C GLU B 360 -8.93 18.87 -22.96
N LEU B 361 -8.15 19.35 -21.99
CA LEU B 361 -8.19 18.80 -20.66
C LEU B 361 -8.49 19.93 -19.67
N ASN B 362 -9.66 19.86 -19.03
CA ASN B 362 -9.96 20.80 -17.94
C ASN B 362 -9.26 20.36 -16.65
N PRO B 363 -8.32 21.18 -16.18
CA PRO B 363 -7.35 20.80 -15.17
C PRO B 363 -7.93 21.05 -13.76
N ARG B 364 -9.10 20.47 -13.55
CA ARG B 364 -9.93 20.78 -12.41
C ARG B 364 -11.17 19.91 -12.40
N LEU B 365 -11.90 19.96 -11.28
CA LEU B 365 -13.18 19.28 -11.12
C LEU B 365 -14.20 20.11 -11.86
N GLN B 366 -15.30 19.48 -12.28
CA GLN B 366 -16.45 20.21 -12.81
C GLN B 366 -17.74 20.13 -11.94
N VAL B 367 -18.67 21.06 -12.18
CA VAL B 367 -19.93 21.09 -11.45
C VAL B 367 -20.69 19.77 -11.51
N GLU B 368 -20.48 19.02 -12.58
CA GLU B 368 -21.17 17.75 -12.81
C GLU B 368 -20.51 16.51 -12.20
N HIS B 369 -19.37 16.71 -11.54
CA HIS B 369 -18.58 15.57 -11.03
C HIS B 369 -19.37 14.61 -10.12
N PRO B 370 -20.42 15.09 -9.42
CA PRO B 370 -21.21 14.11 -8.65
C PRO B 370 -21.69 12.89 -9.48
N CYS B 371 -22.02 13.12 -10.76
CA CYS B 371 -22.33 12.06 -11.73
C CYS B 371 -21.32 10.96 -11.72
N THR B 372 -20.05 11.33 -11.77
CA THR B 372 -18.98 10.36 -11.73
C THR B 372 -18.91 9.76 -10.37
N GLU B 373 -18.95 10.61 -9.36
CA GLU B 373 -18.79 10.19 -7.98
C GLU B 373 -19.75 9.05 -7.64
N MET B 374 -21.02 9.24 -7.99
CA MET B 374 -22.06 8.28 -7.75
C MET B 374 -21.79 6.99 -8.48
N ILE B 375 -21.48 7.06 -9.78
CA ILE B 375 -21.32 5.80 -10.53
C ILE B 375 -20.04 5.01 -10.27
N ALA B 376 -19.00 5.69 -9.80
CA ALA B 376 -17.74 5.04 -9.50
C ALA B 376 -17.59 4.81 -7.99
N ASP B 377 -18.53 5.33 -7.20
CA ASP B 377 -18.48 5.37 -5.74
C ASP B 377 -17.16 5.97 -5.22
N VAL B 378 -16.84 7.14 -5.75
CA VAL B 378 -15.60 7.83 -5.41
C VAL B 378 -15.95 9.24 -4.87
N ASN B 379 -15.53 9.54 -3.65
CA ASN B 379 -15.70 10.89 -3.10
C ASN B 379 -14.59 11.76 -3.74
N LEU B 380 -14.95 12.66 -4.65
CA LEU B 380 -13.85 13.31 -5.36
C LEU B 380 -13.03 14.32 -4.55
N PRO B 381 -13.69 15.23 -3.81
CA PRO B 381 -12.89 16.17 -3.03
C PRO B 381 -12.09 15.48 -1.94
N ALA B 382 -12.67 14.47 -1.33
CA ALA B 382 -11.90 13.67 -0.38
C ALA B 382 -10.69 13.03 -1.07
N ALA B 383 -10.85 12.57 -2.31
CA ALA B 383 -9.70 12.00 -3.00
C ALA B 383 -8.65 13.09 -3.28
N GLN B 384 -9.08 14.29 -3.65
CA GLN B 384 -8.17 15.41 -3.79
C GLN B 384 -7.44 15.71 -2.49
N LEU B 385 -8.16 15.78 -1.38
CA LEU B 385 -7.51 16.01 -0.09
C LEU B 385 -6.44 14.96 0.22
N GLN B 386 -6.77 13.68 0.07
CA GLN B 386 -5.80 12.67 0.45
C GLN B 386 -4.56 12.69 -0.51
N ILE B 387 -4.81 12.95 -1.78
CA ILE B 387 -3.74 12.96 -2.76
C ILE B 387 -2.78 14.12 -2.43
N ALA B 388 -3.37 15.26 -2.10
CA ALA B 388 -2.61 16.42 -1.74
C ALA B 388 -1.80 16.16 -0.48
N MET B 389 -2.13 15.13 0.28
CA MET B 389 -1.37 14.77 1.47
C MET B 389 -0.32 13.74 1.14
N GLY B 390 -0.27 13.33 -0.11
CA GLY B 390 0.72 12.35 -0.53
C GLY B 390 0.26 10.90 -0.41
N VAL B 391 -1.04 10.66 -0.19
CA VAL B 391 -1.56 9.28 -0.21
C VAL B 391 -1.60 8.76 -1.66
N PRO B 392 -0.98 7.60 -1.93
CA PRO B 392 -1.02 7.10 -3.31
C PRO B 392 -2.37 6.45 -3.61
N LEU B 393 -2.76 6.44 -4.90
CA LEU B 393 -4.07 5.90 -5.32
C LEU B 393 -4.43 4.57 -4.67
N HIS B 394 -3.50 3.62 -4.69
CA HIS B 394 -3.78 2.28 -4.24
C HIS B 394 -4.08 2.23 -2.76
N ARG B 395 -4.04 3.38 -2.10
CA ARG B 395 -4.36 3.42 -0.67
C ARG B 395 -5.60 4.25 -0.40
N LEU B 396 -6.25 4.72 -1.47
CA LEU B 396 -7.58 5.30 -1.35
C LEU B 396 -8.62 4.17 -1.29
N LYS B 397 -9.34 4.08 -0.17
CA LYS B 397 -10.34 3.05 0.04
C LYS B 397 -11.30 2.92 -1.14
N ASP B 398 -11.71 4.07 -1.67
CA ASP B 398 -12.70 4.13 -2.71
C ASP B 398 -12.14 3.55 -4.00
N ILE B 399 -10.86 3.82 -4.26
CA ILE B 399 -10.17 3.28 -5.42
C ILE B 399 -9.91 1.78 -5.23
N ARG B 400 -9.62 1.36 -4.00
CA ARG B 400 -9.46 -0.07 -3.78
C ARG B 400 -10.78 -0.80 -3.98
N LEU B 401 -11.87 -0.22 -3.49
CA LEU B 401 -13.18 -0.86 -3.60
C LEU B 401 -13.55 -0.91 -5.07
N LEU B 402 -13.26 0.17 -5.79
CA LEU B 402 -13.55 0.22 -7.20
C LEU B 402 -12.88 -0.93 -7.97
N TYR B 403 -11.72 -1.37 -7.50
CA TYR B 403 -10.90 -2.33 -8.23
C TYR B 403 -11.11 -3.75 -7.68
N GLY B 404 -12.10 -3.87 -6.80
CA GLY B 404 -12.46 -5.17 -6.24
C GLY B 404 -11.58 -5.58 -5.08
N GLU B 405 -10.79 -4.65 -4.56
CA GLU B 405 -9.79 -4.99 -3.56
C GLU B 405 -10.31 -4.80 -2.14
N SER B 406 -9.51 -5.15 -1.14
CA SER B 406 -9.86 -4.85 0.24
C SER B 406 -10.05 -3.34 0.45
N PRO B 407 -10.98 -2.95 1.31
CA PRO B 407 -11.15 -1.54 1.64
C PRO B 407 -9.88 -0.91 2.22
N TRP B 408 -9.26 -1.58 3.18
CA TRP B 408 -8.13 -1.05 3.93
C TRP B 408 -6.90 -1.90 3.71
N GLY B 409 -6.86 -2.59 2.57
CA GLY B 409 -5.75 -3.48 2.25
C GLY B 409 -4.50 -2.66 2.12
N VAL B 410 -3.36 -3.32 2.08
CA VAL B 410 -2.07 -2.60 2.04
C VAL B 410 -1.29 -2.97 0.78
N THR B 411 -1.78 -4.03 0.14
CA THR B 411 -1.35 -4.56 -1.15
C THR B 411 -1.47 -3.52 -2.27
N PRO B 412 -0.55 -3.54 -3.26
CA PRO B 412 -0.73 -2.64 -4.40
C PRO B 412 -1.79 -3.11 -5.41
N ILE B 413 -2.03 -2.29 -6.42
CA ILE B 413 -3.06 -2.53 -7.43
C ILE B 413 -2.50 -2.26 -8.81
N SER B 414 -2.50 -3.31 -9.63
CA SER B 414 -2.09 -3.24 -11.03
C SER B 414 -3.19 -2.56 -11.83
N PHE B 415 -3.09 -1.24 -11.92
CA PHE B 415 -4.17 -0.38 -12.46
C PHE B 415 -4.56 -0.58 -13.93
N GLU B 416 -3.72 -1.28 -14.69
CA GLU B 416 -4.01 -1.51 -16.12
C GLU B 416 -4.21 -3.01 -16.34
N THR B 417 -5.46 -3.48 -16.27
CA THR B 417 -5.81 -4.91 -16.55
C THR B 417 -7.19 -5.14 -17.22
N PRO B 421 -11.93 -5.73 -14.94
CA PRO B 421 -12.17 -4.28 -15.20
C PRO B 421 -13.48 -3.76 -14.57
N PRO B 422 -13.41 -2.64 -13.81
CA PRO B 422 -14.49 -2.12 -12.96
C PRO B 422 -15.73 -1.81 -13.77
N LEU B 423 -16.90 -2.02 -13.19
CA LEU B 423 -18.18 -1.78 -13.84
C LEU B 423 -18.90 -0.57 -13.26
N ALA B 424 -19.38 0.32 -14.14
CA ALA B 424 -20.14 1.50 -13.72
C ALA B 424 -21.31 1.02 -12.87
N ARG B 425 -21.56 1.65 -11.71
CA ARG B 425 -22.71 1.29 -10.87
C ARG B 425 -23.93 2.12 -11.21
N GLY B 426 -24.80 1.57 -12.04
CA GLY B 426 -25.99 2.28 -12.44
C GLY B 426 -25.72 3.37 -13.46
N HIS B 427 -26.52 4.43 -13.42
CA HIS B 427 -26.49 5.48 -14.42
C HIS B 427 -27.05 6.74 -13.79
N VAL B 428 -26.57 7.90 -14.23
CA VAL B 428 -26.97 9.18 -13.66
C VAL B 428 -27.25 10.15 -14.77
N ILE B 429 -28.30 10.96 -14.61
CA ILE B 429 -28.59 12.05 -15.51
C ILE B 429 -28.47 13.30 -14.67
N ALA B 430 -27.94 14.37 -15.24
CA ALA B 430 -27.85 15.65 -14.57
C ALA B 430 -28.50 16.67 -15.46
N ALA B 431 -29.43 17.44 -14.91
CA ALA B 431 -30.15 18.41 -15.71
C ALA B 431 -29.95 19.85 -15.24
N ARG B 432 -29.73 20.73 -16.20
CA ARG B 432 -29.60 22.15 -15.95
C ARG B 432 -30.97 22.82 -15.93
N ILE B 433 -31.29 23.43 -14.80
CA ILE B 433 -32.55 24.17 -14.59
C ILE B 433 -32.22 25.66 -14.43
N THR B 434 -33.03 26.53 -15.03
CA THR B 434 -32.78 27.98 -15.03
C THR B 434 -33.98 28.87 -14.59
N SER B 435 -33.73 30.19 -14.56
CA SER B 435 -34.68 31.24 -14.11
C SER B 435 -35.52 30.80 -12.92
N THR B 448 -25.43 32.53 -2.17
CA THR B 448 -26.69 31.95 -1.67
C THR B 448 -27.25 30.82 -2.56
N VAL B 449 -27.76 29.79 -1.90
CA VAL B 449 -28.15 28.54 -2.56
C VAL B 449 -29.48 28.04 -2.02
N GLN B 450 -30.24 27.35 -2.85
CA GLN B 450 -31.52 26.78 -2.42
C GLN B 450 -31.57 25.29 -2.75
N GLU B 451 -31.74 24.47 -1.72
CA GLU B 451 -31.74 23.01 -1.89
C GLU B 451 -33.11 22.41 -2.16
N LEU B 452 -33.17 21.56 -3.18
CA LEU B 452 -34.39 20.90 -3.57
C LEU B 452 -34.30 19.45 -3.12
N ASN B 453 -35.18 19.06 -2.19
CA ASN B 453 -35.29 17.66 -1.77
C ASN B 453 -36.61 17.10 -2.26
N PHE B 454 -36.54 16.08 -3.10
CA PHE B 454 -37.73 15.58 -3.77
C PHE B 454 -38.36 14.41 -3.04
N ARG B 455 -39.67 14.50 -2.83
CA ARG B 455 -40.40 13.51 -2.06
C ARG B 455 -40.56 12.19 -2.83
N SER B 456 -40.76 12.31 -4.15
CA SER B 456 -41.09 11.17 -5.04
C SER B 456 -39.96 10.14 -5.23
N SER B 457 -38.75 10.61 -5.51
CA SER B 457 -37.56 9.74 -5.57
C SER B 457 -36.63 10.15 -4.46
N LYS B 458 -36.01 9.18 -3.81
CA LYS B 458 -34.90 9.48 -2.90
C LYS B 458 -33.60 9.56 -3.73
N ASN B 459 -33.71 9.12 -4.98
CA ASN B 459 -32.57 9.07 -5.90
C ASN B 459 -32.42 10.29 -6.80
N VAL B 460 -33.15 11.36 -6.49
CA VAL B 460 -32.96 12.64 -7.20
C VAL B 460 -32.80 13.81 -6.25
N TRP B 461 -32.00 14.79 -6.64
CA TRP B 461 -31.66 15.95 -5.82
C TRP B 461 -31.11 17.07 -6.72
N GLY B 462 -31.51 18.30 -6.44
CA GLY B 462 -31.05 19.46 -7.19
C GLY B 462 -30.75 20.65 -6.28
N TYR B 463 -30.40 21.79 -6.89
CA TYR B 463 -30.04 23.01 -6.16
C TYR B 463 -30.23 24.26 -7.02
N PHE B 464 -30.43 25.40 -6.33
CA PHE B 464 -30.48 26.77 -6.88
C PHE B 464 -31.25 26.86 -8.18
N PHE B 480 -29.94 29.79 -12.08
CA PHE B 480 -29.41 28.55 -12.64
C PHE B 480 -29.00 27.55 -11.56
N GLY B 481 -29.16 26.26 -11.86
CA GLY B 481 -28.68 25.19 -10.98
C GLY B 481 -28.74 23.84 -11.68
N HIS B 482 -28.78 22.76 -10.88
CA HIS B 482 -28.80 21.40 -11.41
C HIS B 482 -29.65 20.44 -10.62
N CYS B 483 -30.22 19.47 -11.32
CA CYS B 483 -30.72 18.28 -10.67
C CYS B 483 -29.90 17.07 -11.06
N PHE B 484 -29.79 16.12 -10.14
CA PHE B 484 -29.04 14.88 -10.33
C PHE B 484 -29.93 13.67 -10.01
N SER B 485 -29.98 12.71 -10.94
CA SER B 485 -30.80 11.51 -10.78
C SER B 485 -30.01 10.23 -11.02
N TRP B 486 -30.19 9.26 -10.12
CA TRP B 486 -29.53 7.96 -10.26
C TRP B 486 -30.59 6.93 -10.50
N GLY B 487 -30.26 5.95 -11.34
CA GLY B 487 -31.07 4.76 -11.52
C GLY B 487 -30.18 3.56 -11.68
N GLU B 488 -30.78 2.37 -11.71
CA GLU B 488 -30.05 1.11 -11.91
C GLU B 488 -29.57 0.99 -13.36
N ASN B 489 -30.25 1.73 -14.24
CA ASN B 489 -29.88 1.81 -15.64
C ASN B 489 -30.33 3.16 -16.22
N ARG B 490 -29.91 3.44 -17.45
CA ARG B 490 -30.23 4.70 -18.11
C ARG B 490 -31.74 5.00 -18.05
N GLU B 491 -32.54 4.03 -18.47
CA GLU B 491 -33.98 4.13 -18.48
C GLU B 491 -34.54 4.61 -17.11
N GLU B 492 -34.21 3.88 -16.03
CA GLU B 492 -34.58 4.28 -14.66
C GLU B 492 -34.14 5.72 -14.32
N ALA B 493 -32.88 6.03 -14.62
CA ALA B 493 -32.34 7.36 -14.36
C ALA B 493 -33.13 8.50 -15.02
N ILE B 494 -33.47 8.33 -16.30
CA ILE B 494 -34.28 9.32 -17.02
C ILE B 494 -35.66 9.36 -16.40
N SER B 495 -36.15 8.18 -16.02
CA SER B 495 -37.47 8.08 -15.41
C SER B 495 -37.48 8.90 -14.12
N ASN B 496 -36.59 8.58 -13.18
CA ASN B 496 -36.51 9.27 -11.89
C ASN B 496 -36.34 10.79 -12.03
N MET B 497 -35.65 11.21 -13.09
CA MET B 497 -35.44 12.64 -13.34
C MET B 497 -36.73 13.31 -13.77
N VAL B 498 -37.51 12.62 -14.59
CA VAL B 498 -38.75 13.18 -15.12
C VAL B 498 -39.75 13.28 -13.98
N VAL B 499 -39.63 12.33 -13.07
CA VAL B 499 -40.51 12.26 -11.92
C VAL B 499 -40.28 13.50 -11.07
N ALA B 500 -39.01 13.72 -10.73
CA ALA B 500 -38.56 14.86 -9.92
C ALA B 500 -38.93 16.21 -10.52
N LEU B 501 -38.66 16.38 -11.81
CA LEU B 501 -39.00 17.60 -12.51
C LEU B 501 -40.50 17.89 -12.42
N LYS B 502 -41.33 16.85 -12.61
CA LYS B 502 -42.79 16.98 -12.49
C LYS B 502 -43.18 17.38 -11.05
N GLU B 503 -42.49 16.81 -10.06
CA GLU B 503 -42.68 17.14 -8.64
C GLU B 503 -42.52 18.64 -8.33
N LEU B 504 -41.85 19.35 -9.24
CA LEU B 504 -41.98 20.80 -9.33
C LEU B 504 -43.11 21.05 -10.34
N SER B 505 -44.35 21.16 -9.86
CA SER B 505 -45.48 21.35 -10.77
C SER B 505 -45.43 22.73 -11.41
N THR B 513 -41.71 25.45 -16.94
CA THR B 513 -40.58 25.62 -17.83
C THR B 513 -39.56 24.54 -17.49
N VAL B 514 -40.11 23.46 -16.97
CA VAL B 514 -39.52 22.18 -16.96
C VAL B 514 -40.29 21.48 -18.03
N GLU B 515 -41.16 22.21 -18.67
CA GLU B 515 -41.90 21.66 -19.75
C GLU B 515 -40.87 21.34 -20.79
N TYR B 516 -39.92 22.24 -20.92
CA TYR B 516 -38.87 22.12 -21.88
C TYR B 516 -38.02 20.88 -21.71
N LEU B 517 -37.58 20.63 -20.50
CA LEU B 517 -36.77 19.48 -20.25
C LEU B 517 -37.49 18.18 -20.42
N ILE B 518 -38.71 18.15 -19.92
CA ILE B 518 -39.48 16.95 -19.97
C ILE B 518 -39.79 16.62 -21.37
N ASN B 519 -40.14 17.60 -22.16
CA ASN B 519 -40.49 17.24 -23.50
C ASN B 519 -39.26 16.69 -24.09
N LEU B 520 -38.16 17.32 -23.75
CA LEU B 520 -36.85 16.95 -24.26
C LEU B 520 -36.47 15.55 -23.78
N LEU B 521 -36.82 15.20 -22.54
CA LEU B 521 -36.50 13.89 -21.95
C LEU B 521 -37.37 12.74 -22.43
N GLU B 522 -38.40 13.05 -23.21
CA GLU B 522 -39.36 12.02 -23.61
C GLU B 522 -39.52 11.87 -25.12
N THR B 523 -38.69 12.61 -25.87
CA THR B 523 -38.58 12.38 -27.30
C THR B 523 -38.01 10.97 -27.49
N GLU B 524 -38.48 10.25 -28.51
CA GLU B 524 -37.96 8.91 -28.73
C GLU B 524 -36.44 8.96 -29.06
N SER B 525 -35.99 10.07 -29.64
CA SER B 525 -34.60 10.22 -30.04
C SER B 525 -33.66 10.32 -28.83
N PHE B 526 -34.08 11.05 -27.79
CA PHE B 526 -33.32 11.07 -26.55
C PHE B 526 -33.40 9.74 -25.85
N GLN B 527 -34.54 9.07 -26.02
CA GLN B 527 -34.76 7.79 -25.36
C GLN B 527 -33.89 6.73 -26.03
N ASN B 528 -33.82 6.77 -27.36
CA ASN B 528 -32.92 5.87 -28.11
C ASN B 528 -31.45 6.19 -27.87
N ASN B 529 -31.20 7.40 -27.37
CA ASN B 529 -29.87 7.96 -27.21
C ASN B 529 -29.27 8.25 -28.59
N ASP B 530 -30.08 8.82 -29.48
CA ASP B 530 -29.60 9.22 -30.79
C ASP B 530 -28.67 10.40 -30.74
N ILE B 531 -27.61 10.34 -31.55
CA ILE B 531 -26.74 11.49 -31.82
C ILE B 531 -27.31 12.28 -32.99
N ASP B 532 -27.57 13.57 -32.74
CA ASP B 532 -28.07 14.51 -33.74
C ASP B 532 -27.05 14.63 -34.86
N THR B 533 -27.54 14.69 -36.09
CA THR B 533 -26.65 14.88 -37.22
C THR B 533 -26.26 16.38 -37.33
N GLY B 534 -25.31 16.68 -38.20
CA GLY B 534 -24.91 18.05 -38.40
C GLY B 534 -23.68 18.43 -37.61
N TRP B 535 -23.43 19.73 -37.55
CA TRP B 535 -22.18 20.25 -37.08
C TRP B 535 -22.29 20.62 -35.63
N LEU B 536 -21.38 20.09 -34.82
CA LEU B 536 -21.42 20.25 -33.39
C LEU B 536 -20.85 21.59 -32.93
N ASP B 537 -21.70 22.41 -32.32
CA ASP B 537 -21.28 23.70 -31.77
C ASP B 537 -20.46 23.57 -30.47
N TYR B 538 -19.85 24.67 -30.01
CA TYR B 538 -18.95 24.63 -28.86
C TYR B 538 -19.66 24.79 -27.49
N LEU B 539 -18.97 24.41 -26.41
CA LEU B 539 -19.44 24.62 -25.03
C LEU B 539 -18.71 25.73 -24.27
N ILE B 540 -19.45 26.46 -23.41
CA ILE B 540 -18.90 27.60 -22.64
C ILE B 540 -18.28 27.14 -21.32
#